data_3FY1
#
_entry.id   3FY1
#
_cell.length_a   63.688
_cell.length_b   89.287
_cell.length_c   126.689
_cell.angle_alpha   90.00
_cell.angle_beta   90.00
_cell.angle_gamma   90.00
#
_symmetry.space_group_name_H-M   'P 21 21 21'
#
loop_
_entity.id
_entity.type
_entity.pdbx_description
1 polymer 'Acidic mammalian chitinase'
2 branched 2-acetamido-2-deoxy-6-O-methyl-alpha-D-allopyranose-(1-4)-2-acetamido-2-deoxy-beta-D-allopyranose
3 non-polymer ALLOSAMIZOLINE
4 water water
#
_entity_poly.entity_id   1
_entity_poly.type   'polypeptide(L)'
_entity_poly.pdbx_seq_one_letter_code
;YQLTCYFTNWAQYRPGLGRFMPDDINPCLCTHLIYAFAGMQNNEITTIEWNDVTLYQAFNGLKNKNSQLKTLLAIGGWNF
GTAPFTAMVSTPENRQTFITSVIKFLRQYEFDGLDFDWEYPGSRGSPPQDKHLFTVLVQEMREAFEQEAKQINKPRLMVT
AAVAAGISNIQSGYEIPQLSQYLDYIHVMTYDLHGSWEGYTGENSPLYKYPTDTGSNAYLNVDYVMNYWKDNGAPAEKLI
VGFPTYGHNFILSNPSNTGIGAPTSGAGPAGPYAKESGIWAYYEICTFLKNGATQGWDAPQEVPYAYQGNVWVGYDNVKS
FDIKAQWLKHNKFGGAMVWAIDLDDFTGTFCNQGKFPLISTLKKALGLQSASCTAPAQPIEPITAAPGSHHHHHH
;
_entity_poly.pdbx_strand_id   A,B
#
# COMPACT_ATOMS: atom_id res chain seq x y z
N TYR A 1 18.91 -28.25 -5.53
CA TYR A 1 18.54 -26.86 -5.07
C TYR A 1 17.14 -26.46 -5.53
N GLN A 2 16.47 -25.64 -4.73
CA GLN A 2 15.21 -25.03 -5.14
C GLN A 2 15.50 -23.68 -5.80
N LEU A 3 14.69 -23.33 -6.79
CA LEU A 3 14.67 -21.99 -7.35
C LEU A 3 13.23 -21.51 -7.28
N THR A 4 12.98 -20.65 -6.29
CA THR A 4 11.65 -20.22 -5.93
C THR A 4 11.42 -18.78 -6.37
N CYS A 5 10.39 -18.55 -7.17
CA CYS A 5 10.20 -17.24 -7.78
C CYS A 5 8.87 -16.64 -7.40
N TYR A 6 8.89 -15.40 -6.94
CA TYR A 6 7.67 -14.69 -6.55
C TYR A 6 7.05 -13.94 -7.73
N PHE A 7 5.74 -14.11 -7.89
CA PHE A 7 4.92 -13.37 -8.85
C PHE A 7 4.03 -12.40 -8.07
N THR A 8 3.88 -11.19 -8.58
CA THR A 8 3.10 -10.16 -7.85
C THR A 8 1.84 -9.78 -8.61
N ASN A 9 0.72 -9.71 -7.88
CA ASN A 9 -0.58 -9.44 -8.52
C ASN A 9 -0.87 -7.97 -8.89
N TRP A 10 0.13 -7.11 -8.73
CA TRP A 10 0.03 -5.71 -9.16
C TRP A 10 0.85 -5.40 -10.42
N ALA A 11 1.66 -6.36 -10.85
CA ALA A 11 2.45 -6.22 -12.09
C ALA A 11 1.54 -6.06 -13.31
N GLN A 12 0.31 -6.53 -13.18
CA GLN A 12 -0.70 -6.45 -14.24
C GLN A 12 -1.05 -5.02 -14.64
N TYR A 13 -0.77 -4.05 -13.74
CA TYR A 13 -1.16 -2.66 -13.97
C TYR A 13 -0.09 -1.79 -14.61
N ARG A 14 1.07 -2.38 -14.87
CA ARG A 14 2.19 -1.65 -15.46
C ARG A 14 1.94 -1.38 -16.94
N PRO A 15 2.37 -0.21 -17.44
CA PRO A 15 2.09 0.15 -18.83
C PRO A 15 2.92 -0.64 -19.84
N GLY A 16 2.34 -0.86 -21.03
CA GLY A 16 3.10 -1.38 -22.16
C GLY A 16 3.86 -2.66 -21.84
N LEU A 17 5.16 -2.66 -22.15
CA LEU A 17 6.02 -3.85 -21.98
C LEU A 17 6.22 -4.29 -20.52
N GLY A 18 5.83 -3.44 -19.57
CA GLY A 18 5.96 -3.77 -18.15
C GLY A 18 4.85 -4.70 -17.67
N ARG A 19 3.70 -4.68 -18.34
CA ARG A 19 2.57 -5.51 -17.94
C ARG A 19 3.00 -6.98 -17.87
N PHE A 20 2.74 -7.59 -16.72
CA PHE A 20 3.12 -8.98 -16.49
C PHE A 20 1.98 -9.75 -15.83
N MET A 21 1.58 -10.82 -16.52
CA MET A 21 0.48 -11.68 -16.11
C MET A 21 1.01 -13.09 -15.82
N PRO A 22 0.22 -13.94 -15.13
CA PRO A 22 0.67 -15.31 -14.85
C PRO A 22 1.14 -16.09 -16.08
N ASP A 23 0.47 -15.90 -17.23
CA ASP A 23 0.83 -16.64 -18.45
C ASP A 23 2.15 -16.15 -19.10
N ASP A 24 2.72 -15.08 -18.54
CA ASP A 24 4.03 -14.60 -18.98
C ASP A 24 5.17 -15.34 -18.28
N ILE A 25 4.83 -16.16 -17.29
CA ILE A 25 5.80 -16.96 -16.56
C ILE A 25 6.17 -18.19 -17.40
N ASN A 26 7.48 -18.38 -17.61
CA ASN A 26 7.99 -19.62 -18.18
C ASN A 26 7.85 -20.72 -17.12
N PRO A 27 6.97 -21.71 -17.36
CA PRO A 27 6.70 -22.75 -16.36
C PRO A 27 7.91 -23.64 -16.05
N CYS A 28 8.96 -23.54 -16.87
CA CYS A 28 10.15 -24.39 -16.76
C CYS A 28 11.33 -23.69 -16.10
N LEU A 29 11.14 -22.43 -15.72
CA LEU A 29 12.22 -21.59 -15.23
C LEU A 29 12.57 -21.83 -13.77
N CYS A 30 11.54 -21.90 -12.93
CA CYS A 30 11.69 -22.07 -11.49
C CYS A 30 11.11 -23.41 -11.02
N THR A 31 11.54 -23.87 -9.85
CA THR A 31 11.01 -25.09 -9.26
C THR A 31 9.72 -24.83 -8.48
N HIS A 32 9.66 -23.63 -7.89
CA HIS A 32 8.50 -23.21 -7.10
C HIS A 32 8.10 -21.81 -7.53
N LEU A 33 6.80 -21.55 -7.61
CA LEU A 33 6.29 -20.20 -7.85
C LEU A 33 5.41 -19.79 -6.69
N ILE A 34 5.60 -18.57 -6.21
CA ILE A 34 4.82 -18.08 -5.08
C ILE A 34 4.06 -16.80 -5.46
N TYR A 35 2.76 -16.82 -5.16
CA TYR A 35 1.83 -15.76 -5.53
C TYR A 35 1.72 -14.72 -4.40
N ALA A 36 2.11 -13.48 -4.71
CA ALA A 36 2.03 -12.37 -3.76
C ALA A 36 0.95 -11.37 -4.22
N PHE A 37 -0.07 -11.07 -3.40
CA PHE A 37 -0.25 -11.57 -2.03
C PHE A 37 -1.72 -11.90 -1.78
N ALA A 38 -1.98 -12.76 -0.81
CA ALA A 38 -3.30 -12.90 -0.19
C ALA A 38 -3.41 -11.96 1.01
N GLY A 39 -4.64 -11.65 1.42
CA GLY A 39 -4.90 -10.81 2.58
C GLY A 39 -5.65 -11.57 3.67
N MET A 40 -6.30 -10.84 4.56
CA MET A 40 -7.04 -11.45 5.66
C MET A 40 -8.26 -10.61 6.04
N GLN A 41 -9.36 -11.29 6.31
CA GLN A 41 -10.58 -10.64 6.78
C GLN A 41 -11.26 -11.57 7.78
N ASN A 42 -11.58 -11.03 8.95
CA ASN A 42 -12.21 -11.81 10.03
C ASN A 42 -11.47 -13.13 10.30
N ASN A 43 -10.14 -13.02 10.39
CA ASN A 43 -9.23 -14.14 10.68
C ASN A 43 -9.21 -15.24 9.64
N GLU A 44 -9.68 -14.91 8.43
CA GLU A 44 -9.65 -15.86 7.32
C GLU A 44 -8.89 -15.30 6.13
N ILE A 45 -8.19 -16.17 5.40
CA ILE A 45 -7.43 -15.77 4.22
C ILE A 45 -8.36 -15.31 3.09
N THR A 46 -7.95 -14.26 2.39
CA THR A 46 -8.77 -13.68 1.32
C THR A 46 -7.93 -13.21 0.16
N THR A 47 -8.59 -12.96 -0.97
CA THR A 47 -8.00 -12.29 -2.11
C THR A 47 -7.82 -10.80 -1.79
N ILE A 48 -7.04 -10.10 -2.60
CA ILE A 48 -6.89 -8.65 -2.45
C ILE A 48 -7.14 -7.85 -3.75
N GLU A 49 -6.88 -8.47 -4.90
CA GLU A 49 -7.19 -7.84 -6.20
C GLU A 49 -8.49 -8.43 -6.75
N TRP A 50 -9.24 -7.60 -7.47
CA TRP A 50 -10.55 -7.97 -7.96
C TRP A 50 -10.54 -9.25 -8.81
N ASN A 51 -9.44 -9.47 -9.53
CA ASN A 51 -9.34 -10.61 -10.46
C ASN A 51 -8.43 -11.73 -9.97
N ASP A 52 -8.17 -11.78 -8.65
CA ASP A 52 -7.27 -12.79 -8.10
C ASP A 52 -7.68 -14.23 -8.43
N VAL A 53 -8.98 -14.53 -8.40
CA VAL A 53 -9.42 -15.90 -8.72
C VAL A 53 -9.05 -16.29 -10.15
N THR A 54 -9.29 -15.40 -11.11
CA THR A 54 -8.87 -15.64 -12.49
C THR A 54 -7.36 -15.82 -12.57
N LEU A 55 -6.61 -14.96 -11.87
CA LEU A 55 -5.15 -15.04 -11.87
C LEU A 55 -4.63 -16.32 -11.21
N TYR A 56 -5.28 -16.75 -10.12
CA TYR A 56 -4.92 -18.01 -9.47
C TYR A 56 -5.03 -19.15 -10.46
N GLN A 57 -6.11 -19.13 -11.22
CA GLN A 57 -6.38 -20.16 -12.19
C GLN A 57 -5.31 -20.27 -13.27
N ALA A 58 -4.89 -19.12 -13.79
CA ALA A 58 -3.82 -19.07 -14.79
C ALA A 58 -2.48 -19.47 -14.18
N PHE A 59 -2.26 -19.00 -12.95
CA PHE A 59 -1.01 -19.21 -12.21
C PHE A 59 -0.82 -20.69 -11.90
N ASN A 60 -1.79 -21.29 -11.23
CA ASN A 60 -1.72 -22.71 -10.91
C ASN A 60 -1.84 -23.60 -12.14
N GLY A 61 -2.50 -23.09 -13.18
CA GLY A 61 -2.57 -23.76 -14.48
C GLY A 61 -1.23 -23.97 -15.17
N LEU A 62 -0.22 -23.19 -14.78
CA LEU A 62 1.16 -23.40 -15.25
C LEU A 62 1.67 -24.81 -14.93
N LYS A 63 1.13 -25.40 -13.86
CA LYS A 63 1.49 -26.77 -13.48
C LYS A 63 1.05 -27.81 -14.53
N ASN A 64 0.08 -27.44 -15.36
CA ASN A 64 -0.32 -28.27 -16.50
C ASN A 64 0.72 -28.34 -17.61
N LYS A 65 1.77 -27.54 -17.48
CA LYS A 65 2.86 -27.49 -18.46
C LYS A 65 4.19 -27.99 -17.88
N ASN A 66 4.21 -28.18 -16.56
CA ASN A 66 5.39 -28.69 -15.86
C ASN A 66 4.95 -29.52 -14.67
N SER A 67 5.04 -30.84 -14.81
CA SER A 67 4.53 -31.80 -13.83
C SER A 67 5.21 -31.72 -12.46
N GLN A 68 6.38 -31.10 -12.41
CA GLN A 68 7.18 -31.04 -11.18
C GLN A 68 6.99 -29.71 -10.46
N LEU A 69 6.43 -28.73 -11.16
CA LEU A 69 6.23 -27.39 -10.60
C LEU A 69 5.30 -27.41 -9.41
N LYS A 70 5.67 -26.66 -8.36
CA LYS A 70 4.83 -26.47 -7.18
C LYS A 70 4.56 -24.99 -6.98
N THR A 71 3.39 -24.68 -6.44
CA THR A 71 2.98 -23.29 -6.25
C THR A 71 2.58 -23.04 -4.81
N LEU A 72 2.86 -21.82 -4.31
CA LEU A 72 2.42 -21.41 -2.99
C LEU A 72 1.78 -20.05 -3.06
N LEU A 73 0.95 -19.76 -2.07
CA LEU A 73 0.33 -18.46 -1.94
C LEU A 73 0.94 -17.76 -0.73
N ALA A 74 1.47 -16.56 -0.96
CA ALA A 74 2.03 -15.75 0.12
C ALA A 74 0.96 -14.87 0.73
N ILE A 75 0.88 -14.88 2.06
CA ILE A 75 -0.05 -14.00 2.77
C ILE A 75 0.73 -12.88 3.48
N GLY A 76 0.28 -11.63 3.30
CA GLY A 76 0.85 -10.51 4.03
C GLY A 76 1.63 -9.54 3.15
N GLY A 77 2.92 -9.42 3.45
CA GLY A 77 3.79 -8.46 2.78
C GLY A 77 4.09 -7.25 3.65
N TRP A 78 5.07 -6.46 3.21
CA TRP A 78 5.47 -5.25 3.94
C TRP A 78 4.28 -4.31 4.22
N ASN A 79 3.53 -3.98 3.17
CA ASN A 79 2.42 -3.02 3.29
C ASN A 79 1.22 -3.53 4.09
N PHE A 80 1.18 -4.84 4.30
CA PHE A 80 0.09 -5.46 5.06
C PHE A 80 0.20 -5.10 6.54
N GLY A 81 1.42 -4.86 7.00
CA GLY A 81 1.67 -4.60 8.41
C GLY A 81 1.42 -5.84 9.26
N THR A 82 1.17 -5.61 10.55
CA THR A 82 1.11 -6.71 11.51
C THR A 82 -0.25 -6.90 12.17
N ALA A 83 -1.07 -5.85 12.17
CA ALA A 83 -2.33 -5.84 12.95
C ALA A 83 -3.22 -7.10 12.77
N PRO A 84 -3.53 -7.49 11.51
CA PRO A 84 -4.33 -8.71 11.34
C PRO A 84 -3.64 -10.00 11.82
N PHE A 85 -2.32 -10.09 11.67
CA PHE A 85 -1.58 -11.25 12.18
C PHE A 85 -1.64 -11.33 13.69
N THR A 86 -1.40 -10.20 14.36
CA THR A 86 -1.46 -10.14 15.81
C THR A 86 -2.83 -10.60 16.34
N ALA A 87 -3.90 -10.08 15.75
CA ALA A 87 -5.25 -10.43 16.18
C ALA A 87 -5.54 -11.91 15.94
N MET A 88 -5.05 -12.43 14.82
CA MET A 88 -5.29 -13.83 14.44
C MET A 88 -4.59 -14.83 15.36
N VAL A 89 -3.35 -14.54 15.77
CA VAL A 89 -2.62 -15.46 16.65
C VAL A 89 -2.99 -15.30 18.13
N SER A 90 -3.69 -14.21 18.45
CA SER A 90 -3.93 -13.83 19.84
C SER A 90 -4.76 -14.85 20.63
N THR A 91 -5.59 -15.62 19.92
CA THR A 91 -6.40 -16.68 20.55
C THR A 91 -6.34 -17.97 19.74
N PRO A 92 -6.41 -19.14 20.42
CA PRO A 92 -6.38 -20.42 19.72
C PRO A 92 -7.57 -20.55 18.76
N GLU A 93 -8.71 -19.98 19.14
CA GLU A 93 -9.91 -20.01 18.32
C GLU A 93 -9.71 -19.26 17.00
N ASN A 94 -9.06 -18.09 17.07
CA ASN A 94 -8.71 -17.32 15.87
C ASN A 94 -7.72 -18.05 14.96
N ARG A 95 -6.73 -18.73 15.56
CA ARG A 95 -5.77 -19.53 14.79
C ARG A 95 -6.45 -20.69 14.07
N GLN A 96 -7.36 -21.37 14.78
CA GLN A 96 -8.14 -22.44 14.17
C GLN A 96 -8.99 -21.95 13.00
N THR A 97 -9.69 -20.83 13.19
CA THR A 97 -10.48 -20.20 12.13
C THR A 97 -9.59 -19.94 10.90
N PHE A 98 -8.41 -19.39 11.15
CA PHE A 98 -7.47 -19.11 10.08
C PHE A 98 -6.97 -20.37 9.35
N ILE A 99 -6.50 -21.34 10.12
CA ILE A 99 -5.96 -22.59 9.55
C ILE A 99 -7.01 -23.30 8.69
N THR A 100 -8.22 -23.46 9.24
CA THR A 100 -9.34 -24.03 8.49
C THR A 100 -9.58 -23.30 7.16
N SER A 101 -9.59 -21.97 7.20
CA SER A 101 -9.80 -21.17 5.99
C SER A 101 -8.67 -21.38 4.97
N VAL A 102 -7.44 -21.49 5.46
CA VAL A 102 -6.27 -21.69 4.58
C VAL A 102 -6.32 -23.04 3.86
N ILE A 103 -6.62 -24.11 4.58
CA ILE A 103 -6.76 -25.43 3.96
C ILE A 103 -7.82 -25.38 2.85
N LYS A 104 -8.97 -24.79 3.15
CA LYS A 104 -10.06 -24.68 2.18
C LYS A 104 -9.64 -23.87 0.95
N PHE A 105 -9.01 -22.72 1.18
CA PHE A 105 -8.59 -21.77 0.14
C PHE A 105 -7.57 -22.39 -0.81
N LEU A 106 -6.51 -22.97 -0.26
CA LEU A 106 -5.44 -23.58 -1.05
C LEU A 106 -5.94 -24.75 -1.88
N ARG A 107 -6.76 -25.60 -1.29
CA ARG A 107 -7.33 -26.72 -2.01
C ARG A 107 -8.28 -26.25 -3.10
N GLN A 108 -9.11 -25.25 -2.78
CA GLN A 108 -10.08 -24.70 -3.73
C GLN A 108 -9.40 -24.14 -4.97
N TYR A 109 -8.33 -23.39 -4.76
CA TYR A 109 -7.70 -22.68 -5.86
C TYR A 109 -6.45 -23.39 -6.42
N GLU A 110 -6.12 -24.53 -5.86
CA GLU A 110 -5.09 -25.44 -6.38
C GLU A 110 -3.66 -24.96 -6.17
N PHE A 111 -3.41 -24.42 -4.98
CA PHE A 111 -2.08 -24.08 -4.50
C PHE A 111 -1.50 -25.26 -3.71
N ASP A 112 -0.18 -25.42 -3.75
CA ASP A 112 0.47 -26.52 -3.04
C ASP A 112 0.97 -26.14 -1.64
N GLY A 113 0.75 -24.90 -1.24
CA GLY A 113 1.12 -24.48 0.11
C GLY A 113 0.93 -23.01 0.41
N LEU A 114 1.27 -22.64 1.65
CA LEU A 114 1.18 -21.26 2.11
C LEU A 114 2.57 -20.73 2.51
N ASP A 115 2.89 -19.53 2.05
CA ASP A 115 4.11 -18.81 2.44
C ASP A 115 3.68 -17.67 3.37
N PHE A 116 4.06 -17.77 4.65
CA PHE A 116 3.81 -16.66 5.57
C PHE A 116 4.74 -15.49 5.28
N ASP A 117 4.17 -14.31 5.07
CA ASP A 117 4.99 -13.11 4.94
C ASP A 117 4.53 -12.05 5.94
N TRP A 118 4.62 -12.41 7.22
CA TRP A 118 4.32 -11.49 8.31
C TRP A 118 5.55 -10.66 8.59
N GLU A 119 5.45 -9.35 8.36
CA GLU A 119 6.60 -8.48 8.52
C GLU A 119 6.35 -7.45 9.64
N TYR A 120 6.72 -7.75 10.88
CA TYR A 120 7.30 -9.03 11.33
C TYR A 120 6.74 -9.31 12.73
N PRO A 121 6.76 -10.59 13.19
CA PRO A 121 6.39 -10.81 14.60
C PRO A 121 7.32 -10.01 15.51
N GLY A 122 6.77 -9.42 16.57
CA GLY A 122 7.58 -8.68 17.56
C GLY A 122 8.08 -7.30 17.14
N SER A 123 7.75 -6.86 15.93
CA SER A 123 8.11 -5.51 15.49
C SER A 123 7.00 -4.88 14.63
N ARG A 124 7.18 -3.61 14.26
CA ARG A 124 6.17 -2.88 13.47
C ARG A 124 4.76 -2.96 14.07
N GLY A 125 4.67 -2.79 15.38
CA GLY A 125 3.38 -2.79 16.08
C GLY A 125 3.02 -4.13 16.74
N SER A 126 3.67 -5.20 16.30
CA SER A 126 3.44 -6.54 16.83
C SER A 126 4.11 -6.68 18.20
N PRO A 127 3.33 -7.06 19.23
CA PRO A 127 3.84 -7.15 20.60
C PRO A 127 4.77 -8.35 20.84
N PRO A 128 5.55 -8.33 21.94
CA PRO A 128 6.59 -9.35 22.16
C PRO A 128 6.12 -10.81 22.16
N GLN A 129 4.89 -11.05 22.62
CA GLN A 129 4.33 -12.40 22.69
C GLN A 129 4.15 -13.06 21.32
N ASP A 130 4.11 -12.24 20.27
CA ASP A 130 3.95 -12.73 18.90
C ASP A 130 5.13 -13.54 18.36
N LYS A 131 6.31 -13.33 18.96
CA LYS A 131 7.49 -14.12 18.62
C LYS A 131 7.18 -15.60 18.87
N HIS A 132 6.71 -15.92 20.07
CA HIS A 132 6.34 -17.29 20.38
C HIS A 132 5.04 -17.70 19.69
N LEU A 133 4.07 -16.81 19.63
CA LEU A 133 2.79 -17.13 19.00
C LEU A 133 2.95 -17.48 17.51
N PHE A 134 3.94 -16.87 16.86
CA PHE A 134 4.25 -17.22 15.48
C PHE A 134 4.70 -18.69 15.36
N THR A 135 5.58 -19.13 16.26
CA THR A 135 6.02 -20.53 16.31
C THR A 135 4.81 -21.46 16.46
N VAL A 136 3.93 -21.09 17.40
CA VAL A 136 2.72 -21.85 17.68
C VAL A 136 1.82 -21.94 16.43
N LEU A 137 1.61 -20.80 15.77
CA LEU A 137 0.83 -20.74 14.54
C LEU A 137 1.38 -21.68 13.46
N VAL A 138 2.69 -21.61 13.26
CA VAL A 138 3.35 -22.41 12.22
C VAL A 138 3.26 -23.91 12.53
N GLN A 139 3.51 -24.27 13.79
CA GLN A 139 3.40 -25.66 14.21
C GLN A 139 1.98 -26.20 14.01
N GLU A 140 0.98 -25.43 14.45
CA GLU A 140 -0.42 -25.82 14.30
C GLU A 140 -0.80 -25.98 12.84
N MET A 141 -0.31 -25.09 11.99
CA MET A 141 -0.56 -25.15 10.55
CA MET A 141 -0.58 -25.18 10.56
C MET A 141 0.08 -26.41 9.94
N ARG A 142 1.34 -26.64 10.28
CA ARG A 142 2.08 -27.80 9.80
C ARG A 142 1.34 -29.09 10.17
N GLU A 143 0.90 -29.18 11.43
CA GLU A 143 0.23 -30.38 11.92
C GLU A 143 -1.16 -30.54 11.31
N ALA A 144 -1.88 -29.43 11.13
CA ALA A 144 -3.15 -29.44 10.41
C ALA A 144 -2.97 -29.93 8.96
N PHE A 145 -1.91 -29.45 8.30
CA PHE A 145 -1.55 -29.88 6.96
C PHE A 145 -1.24 -31.38 6.89
N GLU A 146 -0.49 -31.88 7.87
CA GLU A 146 -0.18 -33.32 7.95
C GLU A 146 -1.45 -34.16 8.07
N GLN A 147 -2.35 -33.73 8.95
CA GLN A 147 -3.60 -34.45 9.18
C GLN A 147 -4.53 -34.42 7.96
N GLU A 148 -4.62 -33.25 7.32
CA GLU A 148 -5.47 -33.11 6.13
C GLU A 148 -4.98 -33.99 4.98
N ALA A 149 -3.66 -34.04 4.80
CA ALA A 149 -3.07 -34.83 3.72
C ALA A 149 -3.52 -36.29 3.77
N LYS A 150 -3.57 -36.83 4.99
CA LYS A 150 -3.96 -38.22 5.20
C LYS A 150 -5.47 -38.44 5.09
N GLN A 151 -6.26 -37.45 5.48
CA GLN A 151 -7.72 -37.60 5.42
C GLN A 151 -8.26 -37.58 3.99
N ILE A 152 -7.58 -36.84 3.11
CA ILE A 152 -7.98 -36.74 1.71
C ILE A 152 -7.08 -37.54 0.75
N ASN A 153 -6.03 -38.16 1.31
CA ASN A 153 -5.09 -39.00 0.55
C ASN A 153 -4.43 -38.24 -0.62
N LYS A 154 -3.89 -37.06 -0.32
CA LYS A 154 -3.15 -36.27 -1.30
C LYS A 154 -1.84 -35.81 -0.68
N PRO A 155 -0.85 -35.42 -1.50
CA PRO A 155 0.37 -34.84 -0.94
C PRO A 155 0.08 -33.67 0.00
N ARG A 156 0.86 -33.59 1.07
CA ARG A 156 0.71 -32.57 2.10
C ARG A 156 0.98 -31.17 1.56
N LEU A 157 0.16 -30.20 1.95
CA LEU A 157 0.40 -28.79 1.65
C LEU A 157 1.67 -28.35 2.37
N MET A 158 2.44 -27.50 1.70
CA MET A 158 3.66 -26.96 2.29
C MET A 158 3.37 -25.73 3.13
N VAL A 159 4.21 -25.52 4.15
CA VAL A 159 4.18 -24.27 4.91
C VAL A 159 5.59 -23.70 4.94
N THR A 160 5.71 -22.47 4.44
CA THR A 160 7.00 -21.79 4.35
C THR A 160 6.83 -20.40 4.94
N ALA A 161 7.93 -19.68 5.12
CA ALA A 161 7.87 -18.31 5.62
C ALA A 161 8.96 -17.44 5.05
N ALA A 162 8.60 -16.23 4.65
CA ALA A 162 9.57 -15.19 4.30
C ALA A 162 9.95 -14.48 5.60
N VAL A 163 11.26 -14.34 5.84
CA VAL A 163 11.73 -13.91 7.15
C VAL A 163 12.72 -12.75 7.07
N ALA A 164 12.85 -12.03 8.17
CA ALA A 164 13.69 -10.84 8.25
C ALA A 164 15.17 -11.11 8.03
N ALA A 165 15.85 -10.11 7.48
CA ALA A 165 17.31 -10.12 7.35
C ALA A 165 17.99 -9.24 8.39
N GLY A 166 17.24 -8.28 8.95
CA GLY A 166 17.75 -7.38 10.00
C GLY A 166 17.91 -8.09 11.32
N ILE A 167 19.09 -7.98 11.91
CA ILE A 167 19.41 -8.76 13.12
C ILE A 167 18.44 -8.46 14.28
N SER A 168 18.17 -7.18 14.53
CA SER A 168 17.21 -6.79 15.57
C SER A 168 15.82 -7.40 15.33
N ASN A 169 15.37 -7.35 14.08
CA ASN A 169 14.09 -7.96 13.69
C ASN A 169 14.05 -9.48 13.88
N ILE A 170 15.15 -10.15 13.55
CA ILE A 170 15.28 -11.59 13.73
C ILE A 170 15.20 -11.95 15.23
N GLN A 171 15.95 -11.22 16.05
CA GLN A 171 16.00 -11.49 17.49
C GLN A 171 14.66 -11.28 18.21
N SER A 172 13.91 -10.26 17.81
CA SER A 172 12.61 -10.02 18.42
C SER A 172 11.48 -10.79 17.75
N GLY A 173 11.79 -11.46 16.63
CA GLY A 173 10.76 -12.05 15.78
C GLY A 173 10.62 -13.55 15.79
N TYR A 174 11.73 -14.28 15.91
CA TYR A 174 11.72 -15.71 15.64
C TYR A 174 12.41 -16.58 16.69
N GLU A 175 11.73 -17.67 17.05
CA GLU A 175 12.35 -18.75 17.81
C GLU A 175 12.89 -19.73 16.77
N ILE A 176 14.13 -19.48 16.34
CA ILE A 176 14.70 -20.11 15.15
C ILE A 176 14.72 -21.65 15.14
N PRO A 177 15.25 -22.29 16.20
CA PRO A 177 15.29 -23.76 16.16
C PRO A 177 13.89 -24.37 16.11
N GLN A 178 12.97 -23.83 16.88
CA GLN A 178 11.61 -24.38 16.99
C GLN A 178 10.85 -24.14 15.68
N LEU A 179 10.90 -22.91 15.19
CA LEU A 179 10.25 -22.56 13.94
C LEU A 179 10.77 -23.44 12.80
N SER A 180 12.09 -23.59 12.73
CA SER A 180 12.74 -24.36 11.67
C SER A 180 12.27 -25.81 11.57
N GLN A 181 11.81 -26.39 12.69
CA GLN A 181 11.34 -27.77 12.71
C GLN A 181 10.06 -27.99 11.88
N TYR A 182 9.22 -26.96 11.82
CA TYR A 182 7.90 -27.10 11.21
C TYR A 182 7.78 -26.48 9.82
N LEU A 183 8.65 -25.53 9.51
CA LEU A 183 8.67 -24.92 8.18
C LEU A 183 9.34 -25.85 7.17
N ASP A 184 8.77 -25.93 5.97
CA ASP A 184 9.40 -26.65 4.87
C ASP A 184 10.60 -25.88 4.31
N TYR A 185 10.43 -24.56 4.17
CA TYR A 185 11.48 -23.68 3.68
C TYR A 185 11.44 -22.35 4.40
N ILE A 186 12.60 -21.72 4.51
CA ILE A 186 12.78 -20.44 5.17
C ILE A 186 13.31 -19.48 4.10
N HIS A 187 12.45 -18.56 3.66
CA HIS A 187 12.79 -17.64 2.59
C HIS A 187 13.36 -16.34 3.17
N VAL A 188 14.70 -16.26 3.21
CA VAL A 188 15.36 -15.17 3.91
C VAL A 188 15.49 -13.98 2.98
N MET A 189 14.91 -12.86 3.41
CA MET A 189 14.85 -11.65 2.57
C MET A 189 16.14 -10.86 2.64
N THR A 190 17.18 -11.42 2.04
CA THR A 190 18.53 -10.86 2.04
C THR A 190 18.65 -9.79 0.95
N TYR A 191 17.88 -8.72 1.14
CA TYR A 191 17.93 -7.54 0.28
C TYR A 191 17.30 -6.37 1.03
N ASP A 192 17.17 -5.22 0.39
CA ASP A 192 16.83 -3.95 1.05
C ASP A 192 17.75 -3.69 2.24
N LEU A 193 19.00 -4.13 2.09
CA LEU A 193 19.99 -4.03 3.16
C LEU A 193 20.53 -2.60 3.32
N HIS A 194 20.41 -1.82 2.25
CA HIS A 194 20.66 -0.38 2.27
C HIS A 194 19.60 0.35 1.46
N GLY A 195 19.43 1.63 1.74
CA GLY A 195 18.46 2.45 1.00
C GLY A 195 18.66 3.91 1.36
N SER A 196 17.91 4.78 0.67
CA SER A 196 18.06 6.23 0.83
C SER A 196 17.83 6.71 2.27
N TRP A 197 17.07 5.94 3.05
CA TRP A 197 16.82 6.23 4.47
C TRP A 197 18.11 6.45 5.28
N GLU A 198 19.21 5.89 4.81
CA GLU A 198 20.50 5.98 5.50
C GLU A 198 21.25 7.30 5.21
N GLY A 199 20.87 7.98 4.14
CA GLY A 199 21.50 9.25 3.76
C GLY A 199 22.82 9.11 3.01
N TYR A 200 23.15 7.89 2.63
CA TYR A 200 24.33 7.64 1.78
C TYR A 200 24.09 6.44 0.88
N THR A 201 24.87 6.33 -0.19
CA THR A 201 24.72 5.22 -1.13
C THR A 201 25.13 3.91 -0.49
N GLY A 202 24.37 2.87 -0.79
CA GLY A 202 24.66 1.53 -0.31
C GLY A 202 24.01 0.50 -1.20
N GLU A 203 24.50 -0.73 -1.12
CA GLU A 203 24.02 -1.80 -2.00
C GLU A 203 22.76 -2.50 -1.48
N ASN A 204 21.93 -2.95 -2.42
CA ASN A 204 20.67 -3.62 -2.12
C ASN A 204 20.87 -4.96 -1.43
N SER A 205 21.77 -5.75 -2.01
CA SER A 205 22.01 -7.12 -1.58
C SER A 205 23.50 -7.47 -1.71
N PRO A 206 24.37 -6.74 -0.99
CA PRO A 206 25.79 -7.06 -1.09
C PRO A 206 26.09 -8.43 -0.50
N LEU A 207 27.00 -9.17 -1.12
CA LEU A 207 27.33 -10.50 -0.62
C LEU A 207 28.16 -10.42 0.65
N TYR A 208 29.14 -9.52 0.66
CA TYR A 208 30.03 -9.35 1.79
C TYR A 208 29.96 -7.93 2.31
N LYS A 209 30.57 -7.67 3.45
CA LYS A 209 30.64 -6.32 3.96
C LYS A 209 31.60 -5.44 3.16
N TYR A 210 31.32 -4.14 3.16
CA TYR A 210 32.23 -3.15 2.60
C TYR A 210 33.20 -2.78 3.72
N PRO A 211 34.48 -2.46 3.38
CA PRO A 211 35.46 -2.13 4.42
C PRO A 211 34.96 -1.15 5.48
N THR A 212 34.14 -0.19 5.10
CA THR A 212 33.67 0.85 6.02
C THR A 212 32.49 0.43 6.92
N ASP A 213 31.96 -0.76 6.68
CA ASP A 213 30.86 -1.31 7.49
C ASP A 213 31.33 -1.69 8.90
N THR A 214 31.14 -0.77 9.85
CA THR A 214 31.57 -0.97 11.24
C THR A 214 30.37 -1.26 12.13
N GLY A 215 30.62 -1.89 13.29
CA GLY A 215 29.57 -2.17 14.26
C GLY A 215 28.43 -2.97 13.66
N SER A 216 27.20 -2.54 13.94
CA SER A 216 25.99 -3.21 13.42
C SER A 216 25.87 -3.15 11.90
N ASN A 217 26.56 -2.20 11.27
CA ASN A 217 26.59 -2.14 9.81
C ASN A 217 27.25 -3.35 9.16
N ALA A 218 28.14 -4.02 9.91
CA ALA A 218 28.81 -5.24 9.44
C ALA A 218 27.86 -6.43 9.24
N TYR A 219 26.60 -6.28 9.67
CA TYR A 219 25.59 -7.33 9.53
C TYR A 219 24.82 -7.21 8.22
N LEU A 220 25.02 -6.10 7.52
CA LEU A 220 24.20 -5.75 6.36
C LEU A 220 24.74 -6.35 5.05
N ASN A 221 24.82 -7.67 5.03
CA ASN A 221 25.24 -8.41 3.84
C ASN A 221 24.67 -9.82 3.86
N VAL A 222 24.58 -10.42 2.68
CA VAL A 222 23.98 -11.74 2.50
C VAL A 222 24.70 -12.81 3.31
N ASP A 223 26.03 -12.78 3.28
CA ASP A 223 26.85 -13.77 3.98
C ASP A 223 26.60 -13.78 5.49
N TYR A 224 26.61 -12.60 6.12
CA TYR A 224 26.37 -12.53 7.55
C TYR A 224 24.97 -13.02 7.90
N VAL A 225 23.97 -12.55 7.16
CA VAL A 225 22.57 -12.84 7.44
C VAL A 225 22.26 -14.35 7.32
N MET A 226 22.68 -14.96 6.22
CA MET A 226 22.45 -16.39 6.02
C MET A 226 23.12 -17.20 7.12
N ASN A 227 24.36 -16.87 7.43
CA ASN A 227 25.09 -17.54 8.50
C ASN A 227 24.51 -17.31 9.89
N TYR A 228 23.93 -16.14 10.11
CA TYR A 228 23.25 -15.87 11.37
C TYR A 228 22.09 -16.85 11.56
N TRP A 229 21.23 -16.97 10.54
CA TRP A 229 20.12 -17.91 10.59
C TRP A 229 20.62 -19.34 10.84
N LYS A 230 21.65 -19.75 10.10
CA LYS A 230 22.25 -21.09 10.24
C LYS A 230 22.79 -21.32 11.65
N ASP A 231 23.66 -20.42 12.11
CA ASP A 231 24.34 -20.55 13.41
C ASP A 231 23.38 -20.51 14.60
N ASN A 232 22.21 -19.92 14.40
CA ASN A 232 21.22 -19.82 15.47
C ASN A 232 20.07 -20.82 15.37
N GLY A 233 20.26 -21.87 14.57
CA GLY A 233 19.41 -23.05 14.67
C GLY A 233 18.67 -23.51 13.43
N ALA A 234 18.72 -22.73 12.36
CA ALA A 234 18.07 -23.13 11.10
C ALA A 234 18.98 -24.02 10.27
N PRO A 235 18.47 -25.21 9.86
CA PRO A 235 19.28 -26.10 9.03
C PRO A 235 19.55 -25.45 7.68
N ALA A 236 20.80 -25.53 7.23
CA ALA A 236 21.21 -24.91 5.96
C ALA A 236 20.31 -25.36 4.81
N GLU A 237 19.93 -26.63 4.81
CA GLU A 237 19.13 -27.24 3.74
C GLU A 237 17.70 -26.67 3.63
N LYS A 238 17.19 -26.06 4.71
CA LYS A 238 15.87 -25.42 4.66
C LYS A 238 15.99 -23.93 4.36
N LEU A 239 17.20 -23.40 4.45
CA LEU A 239 17.44 -21.98 4.22
C LEU A 239 17.52 -21.63 2.74
N ILE A 240 16.73 -20.64 2.33
CA ILE A 240 16.65 -20.22 0.94
C ILE A 240 17.10 -18.76 0.84
N VAL A 241 18.13 -18.54 0.02
CA VAL A 241 18.76 -17.22 -0.09
C VAL A 241 17.92 -16.28 -0.96
N GLY A 242 17.72 -15.04 -0.49
CA GLY A 242 16.96 -14.04 -1.24
C GLY A 242 17.75 -13.31 -2.32
N PHE A 243 17.21 -13.33 -3.54
CA PHE A 243 17.80 -12.67 -4.70
C PHE A 243 16.83 -11.62 -5.26
N PRO A 244 17.26 -10.34 -5.31
CA PRO A 244 16.44 -9.27 -5.88
C PRO A 244 16.70 -9.01 -7.36
N THR A 245 15.62 -8.95 -8.15
CA THR A 245 15.71 -8.55 -9.55
C THR A 245 15.33 -7.07 -9.69
N TYR A 246 15.71 -6.29 -8.67
CA TYR A 246 15.49 -4.85 -8.66
C TYR A 246 16.61 -4.20 -7.86
N GLY A 247 16.76 -2.89 -8.02
CA GLY A 247 17.74 -2.13 -7.25
C GLY A 247 17.12 -0.96 -6.52
N HIS A 248 17.89 -0.40 -5.58
CA HIS A 248 17.50 0.84 -4.90
C HIS A 248 18.28 1.99 -5.50
N ASN A 249 17.58 3.08 -5.83
CA ASN A 249 18.27 4.27 -6.33
C ASN A 249 18.23 5.45 -5.37
N PHE A 250 19.11 6.42 -5.63
CA PHE A 250 19.39 7.51 -4.72
C PHE A 250 19.58 8.80 -5.52
N ILE A 251 19.35 9.93 -4.86
CA ILE A 251 19.80 11.23 -5.39
C ILE A 251 21.12 11.59 -4.71
N LEU A 252 22.19 11.70 -5.50
CA LEU A 252 23.52 12.07 -4.99
C LEU A 252 23.55 13.53 -4.57
N SER A 253 24.12 13.79 -3.39
CA SER A 253 24.30 15.16 -2.89
C SER A 253 25.40 15.89 -3.66
N ASN A 254 26.37 15.12 -4.14
CA ASN A 254 27.46 15.63 -4.98
C ASN A 254 27.65 14.71 -6.19
N PRO A 255 27.25 15.19 -7.39
CA PRO A 255 27.25 14.42 -8.64
C PRO A 255 28.59 13.78 -9.04
N SER A 256 29.69 14.27 -8.48
CA SER A 256 30.99 13.66 -8.75
C SER A 256 31.58 12.96 -7.52
N ASN A 257 30.71 12.68 -6.55
CA ASN A 257 30.99 11.77 -5.46
C ASN A 257 30.07 10.57 -5.65
N THR A 258 30.62 9.47 -6.17
CA THR A 258 29.81 8.41 -6.77
C THR A 258 30.11 6.99 -6.27
N GLY A 259 30.94 6.87 -5.24
CA GLY A 259 31.30 5.56 -4.70
C GLY A 259 30.31 5.08 -3.64
N ILE A 260 30.60 3.93 -3.06
CA ILE A 260 29.83 3.41 -1.91
C ILE A 260 30.00 4.34 -0.70
N GLY A 261 28.89 4.73 -0.10
CA GLY A 261 28.91 5.62 1.07
C GLY A 261 28.89 7.10 0.73
N ALA A 262 28.65 7.42 -0.54
CA ALA A 262 28.54 8.82 -0.97
C ALA A 262 27.26 9.46 -0.44
N PRO A 263 27.33 10.75 -0.03
CA PRO A 263 26.15 11.43 0.52
C PRO A 263 25.00 11.51 -0.49
N THR A 264 23.80 11.22 0.00
CA THR A 264 22.59 11.32 -0.80
C THR A 264 21.58 12.24 -0.11
N SER A 265 20.67 12.79 -0.91
CA SER A 265 19.66 13.73 -0.41
C SER A 265 18.26 13.13 -0.37
N GLY A 266 18.12 11.92 -0.90
CA GLY A 266 16.83 11.23 -0.89
C GLY A 266 16.76 10.08 -1.86
N ALA A 267 15.57 9.48 -1.94
CA ALA A 267 15.30 8.37 -2.85
C ALA A 267 15.38 8.82 -4.30
N GLY A 268 15.84 7.92 -5.17
CA GLY A 268 15.90 8.22 -6.60
C GLY A 268 14.54 8.11 -7.26
N PRO A 269 14.45 8.49 -8.56
CA PRO A 269 13.18 8.56 -9.27
C PRO A 269 12.50 7.21 -9.44
N ALA A 270 11.17 7.19 -9.32
CA ALA A 270 10.39 6.02 -9.71
C ALA A 270 10.68 5.65 -11.17
N GLY A 271 10.63 4.36 -11.47
CA GLY A 271 10.82 3.90 -12.84
C GLY A 271 9.56 4.13 -13.66
N PRO A 272 9.72 4.22 -14.99
CA PRO A 272 8.58 4.50 -15.89
C PRO A 272 7.61 3.32 -16.04
N TYR A 273 8.03 2.12 -15.61
CA TYR A 273 7.19 0.93 -15.71
C TYR A 273 6.62 0.49 -14.37
N ALA A 274 7.50 0.24 -13.40
CA ALA A 274 7.06 -0.23 -12.08
C ALA A 274 6.51 0.92 -11.22
N LYS A 275 6.99 2.13 -11.49
CA LYS A 275 6.50 3.37 -10.86
C LYS A 275 6.63 3.37 -9.32
N GLU A 276 7.74 2.80 -8.86
CA GLU A 276 8.04 2.66 -7.44
C GLU A 276 9.16 3.61 -7.05
N SER A 277 8.81 4.59 -6.23
CA SER A 277 9.80 5.54 -5.70
C SER A 277 11.01 4.83 -5.10
N GLY A 278 12.21 5.28 -5.48
CA GLY A 278 13.45 4.71 -4.97
C GLY A 278 13.78 3.29 -5.38
N ILE A 279 13.04 2.75 -6.34
CA ILE A 279 13.20 1.36 -6.79
C ILE A 279 13.19 1.32 -8.32
N TRP A 280 14.14 0.60 -8.91
CA TRP A 280 14.10 0.26 -10.33
C TRP A 280 14.17 -1.25 -10.56
N ALA A 281 13.24 -1.76 -11.36
CA ALA A 281 13.29 -3.15 -11.82
C ALA A 281 14.60 -3.35 -12.61
N TYR A 282 15.09 -4.58 -12.66
CA TYR A 282 16.31 -4.83 -13.45
C TYR A 282 16.20 -4.28 -14.87
N TYR A 283 15.06 -4.49 -15.52
CA TYR A 283 14.90 -4.01 -16.89
C TYR A 283 14.89 -2.49 -16.98
N GLU A 284 14.36 -1.83 -15.94
CA GLU A 284 14.44 -0.37 -15.82
C GLU A 284 15.90 0.10 -15.65
N ILE A 285 16.70 -0.67 -14.92
CA ILE A 285 18.12 -0.38 -14.76
C ILE A 285 18.85 -0.52 -16.10
N CYS A 286 18.47 -1.52 -16.88
CA CYS A 286 19.07 -1.70 -18.20
C CYS A 286 18.87 -0.47 -19.10
N THR A 287 17.70 0.16 -19.02
CA THR A 287 17.45 1.43 -19.73
C THR A 287 18.43 2.52 -19.27
N PHE A 288 18.61 2.63 -17.95
CA PHE A 288 19.55 3.57 -17.35
C PHE A 288 20.96 3.38 -17.92
N LEU A 289 21.39 2.13 -18.02
CA LEU A 289 22.71 1.78 -18.57
C LEU A 289 22.82 2.10 -20.07
N LYS A 290 21.75 1.80 -20.82
CA LYS A 290 21.66 2.12 -22.24
C LYS A 290 21.74 3.63 -22.50
N ASN A 291 21.14 4.41 -21.61
CA ASN A 291 21.07 5.86 -21.75
C ASN A 291 22.33 6.62 -21.32
N GLY A 292 23.39 5.87 -21.00
CA GLY A 292 24.71 6.48 -20.78
C GLY A 292 25.27 6.50 -19.38
N ALA A 293 24.57 5.87 -18.43
CA ALA A 293 25.05 5.80 -17.06
C ALA A 293 26.39 5.06 -17.00
N THR A 294 27.25 5.50 -16.09
CA THR A 294 28.55 4.86 -15.89
C THR A 294 28.40 3.62 -15.01
N GLN A 295 28.91 2.49 -15.50
CA GLN A 295 28.89 1.25 -14.75
C GLN A 295 29.96 1.26 -13.67
N GLY A 296 29.56 0.88 -12.45
CA GLY A 296 30.48 0.65 -11.36
C GLY A 296 30.45 -0.80 -10.93
N TRP A 297 31.55 -1.27 -10.36
CA TRP A 297 31.59 -2.58 -9.73
C TRP A 297 32.10 -2.42 -8.30
N ASP A 298 31.28 -2.85 -7.34
CA ASP A 298 31.63 -2.84 -5.92
C ASP A 298 32.35 -4.15 -5.62
N ALA A 299 33.68 -4.14 -5.77
CA ALA A 299 34.48 -5.35 -5.68
C ALA A 299 34.40 -6.09 -4.34
N PRO A 300 34.53 -5.39 -3.19
CA PRO A 300 34.45 -6.11 -1.91
C PRO A 300 33.12 -6.85 -1.72
N GLN A 301 32.05 -6.28 -2.28
CA GLN A 301 30.70 -6.78 -2.03
C GLN A 301 30.13 -7.62 -3.18
N GLU A 302 30.89 -7.69 -4.29
CA GLU A 302 30.56 -8.51 -5.47
C GLU A 302 29.22 -8.14 -6.11
N VAL A 303 28.94 -6.85 -6.17
CA VAL A 303 27.70 -6.35 -6.78
C VAL A 303 27.95 -5.09 -7.60
N PRO A 304 27.14 -4.87 -8.66
CA PRO A 304 27.27 -3.69 -9.51
C PRO A 304 26.58 -2.46 -8.93
N TYR A 305 26.98 -1.29 -9.41
CA TYR A 305 26.21 -0.05 -9.23
C TYR A 305 26.36 0.79 -10.50
N ALA A 306 25.54 1.83 -10.62
CA ALA A 306 25.60 2.68 -11.80
C ALA A 306 25.17 4.09 -11.44
N TYR A 307 25.70 5.08 -12.17
CA TYR A 307 25.40 6.46 -11.85
C TYR A 307 25.41 7.34 -13.10
N GLN A 308 24.60 8.40 -13.08
CA GLN A 308 24.55 9.41 -14.12
C GLN A 308 23.96 10.67 -13.51
N GLY A 309 24.63 11.81 -13.72
CA GLY A 309 24.22 13.06 -13.10
C GLY A 309 24.14 12.91 -11.58
N ASN A 310 22.96 13.19 -11.02
CA ASN A 310 22.76 13.04 -9.58
C ASN A 310 21.93 11.80 -9.20
N VAL A 311 21.92 10.80 -10.08
CA VAL A 311 21.21 9.54 -9.81
C VAL A 311 22.19 8.37 -9.70
N TRP A 312 22.03 7.57 -8.64
CA TRP A 312 22.92 6.45 -8.34
C TRP A 312 22.03 5.25 -8.03
N VAL A 313 22.36 4.08 -8.58
CA VAL A 313 21.60 2.86 -8.29
C VAL A 313 22.51 1.70 -7.87
N GLY A 314 22.14 1.04 -6.78
CA GLY A 314 22.78 -0.19 -6.33
C GLY A 314 21.88 -1.35 -6.66
N TYR A 315 22.43 -2.40 -7.28
CA TYR A 315 21.59 -3.47 -7.80
C TYR A 315 22.34 -4.80 -8.00
N ASP A 316 21.69 -5.75 -8.68
CA ASP A 316 22.29 -7.03 -9.04
C ASP A 316 22.17 -7.31 -10.53
N ASN A 317 23.20 -7.94 -11.08
CA ASN A 317 23.20 -8.32 -12.49
C ASN A 317 23.55 -9.79 -12.68
N VAL A 318 23.79 -10.20 -13.92
CA VAL A 318 24.14 -11.60 -14.21
C VAL A 318 25.40 -12.02 -13.44
N LYS A 319 26.41 -11.14 -13.47
CA LYS A 319 27.68 -11.39 -12.79
C LYS A 319 27.51 -11.63 -11.29
N SER A 320 26.79 -10.74 -10.61
CA SER A 320 26.58 -10.84 -9.17
C SER A 320 25.68 -12.02 -8.78
N PHE A 321 24.64 -12.28 -9.58
CA PHE A 321 23.80 -13.47 -9.38
C PHE A 321 24.64 -14.74 -9.46
N ASP A 322 25.56 -14.78 -10.44
CA ASP A 322 26.40 -15.95 -10.60
C ASP A 322 27.36 -16.18 -9.43
N ILE A 323 28.00 -15.09 -8.99
CA ILE A 323 28.90 -15.13 -7.84
C ILE A 323 28.18 -15.63 -6.58
N LYS A 324 26.98 -15.09 -6.33
CA LYS A 324 26.17 -15.48 -5.19
C LYS A 324 25.70 -16.94 -5.27
N ALA A 325 25.34 -17.37 -6.48
CA ALA A 325 24.96 -18.77 -6.70
C ALA A 325 26.09 -19.73 -6.33
N GLN A 326 27.32 -19.41 -6.76
CA GLN A 326 28.47 -20.24 -6.43
C GLN A 326 28.70 -20.28 -4.92
N TRP A 327 28.60 -19.12 -4.27
CA TRP A 327 28.73 -19.01 -2.83
C TRP A 327 27.68 -19.86 -2.12
N LEU A 328 26.45 -19.79 -2.61
CA LEU A 328 25.31 -20.53 -2.05
C LEU A 328 25.59 -22.04 -2.04
N LYS A 329 26.09 -22.54 -3.17
CA LYS A 329 26.41 -23.97 -3.29
C LYS A 329 27.52 -24.38 -2.32
N HIS A 330 28.58 -23.57 -2.26
CA HIS A 330 29.67 -23.80 -1.29
C HIS A 330 29.17 -23.91 0.14
N ASN A 331 28.13 -23.16 0.46
CA ASN A 331 27.57 -23.12 1.80
C ASN A 331 26.42 -24.10 2.03
N LYS A 332 26.08 -24.82 0.96
CA LYS A 332 25.13 -25.95 1.01
C LYS A 332 23.74 -25.55 1.51
N PHE A 333 23.29 -24.36 1.12
CA PHE A 333 21.93 -23.92 1.42
C PHE A 333 20.92 -24.64 0.52
N GLY A 334 19.63 -24.49 0.85
CA GLY A 334 18.57 -25.20 0.14
C GLY A 334 18.30 -24.72 -1.28
N GLY A 335 18.73 -23.49 -1.57
CA GLY A 335 18.51 -22.89 -2.89
C GLY A 335 18.32 -21.40 -2.82
N ALA A 336 17.64 -20.88 -3.83
CA ALA A 336 17.45 -19.45 -4.00
C ALA A 336 15.98 -19.11 -4.19
N MET A 337 15.58 -17.94 -3.68
CA MET A 337 14.28 -17.36 -4.03
C MET A 337 14.51 -16.00 -4.67
N VAL A 338 13.55 -15.59 -5.49
CA VAL A 338 13.72 -14.39 -6.32
C VAL A 338 12.52 -13.47 -6.17
N TRP A 339 12.80 -12.24 -5.77
CA TRP A 339 11.79 -11.18 -5.78
C TRP A 339 12.21 -10.15 -6.83
N ALA A 340 11.49 -10.05 -7.95
CA ALA A 340 10.35 -10.90 -8.33
C ALA A 340 10.47 -11.26 -9.81
N ILE A 341 9.75 -12.31 -10.22
CA ILE A 341 9.81 -12.76 -11.62
C ILE A 341 9.45 -11.63 -12.62
N ASP A 342 8.48 -10.82 -12.22
CA ASP A 342 7.99 -9.76 -13.08
C ASP A 342 8.92 -8.53 -13.16
N LEU A 343 9.98 -8.52 -12.36
CA LEU A 343 10.96 -7.42 -12.36
C LEU A 343 12.24 -7.76 -13.15
N ASP A 344 12.44 -9.05 -13.43
CA ASP A 344 13.49 -9.52 -14.34
C ASP A 344 13.15 -9.06 -15.77
N ASP A 345 14.13 -9.05 -16.66
CA ASP A 345 13.89 -8.66 -18.05
C ASP A 345 13.20 -9.82 -18.79
N PHE A 346 11.92 -10.00 -18.51
CA PHE A 346 11.16 -11.13 -19.04
C PHE A 346 11.00 -11.12 -20.57
N THR A 347 10.86 -9.92 -21.15
CA THR A 347 10.77 -9.80 -22.61
C THR A 347 12.12 -9.98 -23.29
N GLY A 348 13.19 -9.68 -22.55
CA GLY A 348 14.55 -9.73 -23.09
C GLY A 348 14.94 -8.50 -23.89
N THR A 349 14.02 -7.54 -23.98
CA THR A 349 14.18 -6.38 -24.88
C THR A 349 14.97 -5.22 -24.26
N PHE A 350 15.07 -5.20 -22.94
CA PHE A 350 15.74 -4.11 -22.24
C PHE A 350 17.23 -4.31 -22.06
N CYS A 351 17.63 -5.53 -21.74
CA CYS A 351 19.00 -5.84 -21.36
C CYS A 351 19.81 -6.54 -22.44
N ASN A 352 19.12 -7.11 -23.42
CA ASN A 352 19.75 -7.88 -24.50
C ASN A 352 20.60 -9.05 -23.98
N GLN A 353 20.07 -9.73 -22.96
CA GLN A 353 20.76 -10.85 -22.32
C GLN A 353 19.91 -12.12 -22.34
N GLY A 354 18.90 -12.13 -23.19
CA GLY A 354 17.95 -13.24 -23.26
C GLY A 354 16.78 -13.01 -22.35
N LYS A 355 15.76 -13.84 -22.46
CA LYS A 355 14.58 -13.71 -21.62
C LYS A 355 14.89 -14.18 -20.20
N PHE A 356 14.32 -13.47 -19.21
CA PHE A 356 14.59 -13.74 -17.79
C PHE A 356 16.09 -13.95 -17.51
N PRO A 357 16.95 -12.95 -17.83
CA PRO A 357 18.40 -13.20 -17.73
C PRO A 357 18.87 -13.50 -16.31
N LEU A 358 18.32 -12.79 -15.32
CA LEU A 358 18.73 -12.99 -13.93
C LEU A 358 18.32 -14.37 -13.39
N ILE A 359 17.06 -14.74 -13.60
CA ILE A 359 16.59 -16.03 -13.10
C ILE A 359 17.20 -17.20 -13.87
N SER A 360 17.40 -17.02 -15.18
CA SER A 360 18.07 -18.00 -16.03
C SER A 360 19.50 -18.27 -15.54
N THR A 361 20.17 -17.23 -15.05
CA THR A 361 21.52 -17.34 -14.49
C THR A 361 21.51 -18.30 -13.30
N LEU A 362 20.47 -18.19 -12.47
CA LEU A 362 20.31 -19.06 -11.31
C LEU A 362 19.95 -20.49 -11.70
N LYS A 363 19.04 -20.63 -12.66
CA LYS A 363 18.63 -21.94 -13.15
C LYS A 363 19.86 -22.74 -13.62
N LYS A 364 20.74 -22.07 -14.36
CA LYS A 364 21.96 -22.70 -14.85
C LYS A 364 22.93 -23.04 -13.71
N ALA A 365 23.20 -22.06 -12.85
CA ALA A 365 24.20 -22.22 -11.80
C ALA A 365 23.81 -23.27 -10.76
N LEU A 366 22.50 -23.40 -10.52
CA LEU A 366 22.00 -24.32 -9.51
C LEU A 366 21.70 -25.72 -10.06
N GLY A 367 22.16 -25.99 -11.28
CA GLY A 367 22.06 -27.33 -11.87
C GLY A 367 20.67 -27.74 -12.30
N LEU A 368 19.86 -26.75 -12.69
CA LEU A 368 18.48 -27.00 -13.10
C LEU A 368 18.20 -26.85 -14.60
N GLN A 369 19.25 -26.59 -15.40
CA GLN A 369 19.03 -26.42 -16.85
C GLN A 369 18.43 -27.66 -17.52
N SER A 370 18.83 -28.83 -17.04
CA SER A 370 18.35 -30.10 -17.59
C SER A 370 17.11 -30.62 -16.84
N ALA A 371 16.58 -29.80 -15.92
CA ALA A 371 15.41 -30.19 -15.13
C ALA A 371 14.24 -30.57 -16.02
N SER A 372 13.51 -31.61 -15.58
CA SER A 372 12.37 -32.14 -16.32
C SER A 372 11.29 -31.09 -16.56
N CYS A 373 10.88 -30.96 -17.81
CA CYS A 373 9.78 -30.06 -18.11
C CYS A 373 8.77 -30.60 -19.10
N THR A 374 7.75 -31.26 -18.56
CA THR A 374 6.75 -31.95 -19.34
C THR A 374 5.41 -31.78 -18.63
N ALA A 375 4.35 -31.63 -19.42
CA ALA A 375 2.98 -31.62 -18.89
C ALA A 375 2.73 -32.89 -18.07
N PRO A 376 1.88 -32.79 -17.02
CA PRO A 376 1.52 -34.00 -16.25
C PRO A 376 0.62 -34.95 -17.04
N ALA A 377 0.52 -36.19 -16.57
CA ALA A 377 -0.31 -37.22 -17.19
C ALA A 377 -1.80 -36.86 -17.17
N TYR B 1 -18.96 29.05 3.46
CA TYR B 1 -18.57 27.60 3.47
C TYR B 1 -17.13 27.45 3.02
N GLN B 2 -16.50 26.37 3.47
CA GLN B 2 -15.19 25.97 2.98
C GLN B 2 -15.39 24.92 1.89
N LEU B 3 -14.48 24.90 0.93
CA LEU B 3 -14.38 23.81 -0.03
C LEU B 3 -12.95 23.31 -0.01
N THR B 4 -12.77 22.13 0.58
CA THR B 4 -11.47 21.57 0.83
C THR B 4 -11.23 20.39 -0.11
N CYS B 5 -10.11 20.42 -0.82
CA CYS B 5 -9.83 19.44 -1.87
C CYS B 5 -8.52 18.73 -1.61
N TYR B 6 -8.56 17.40 -1.63
CA TYR B 6 -7.37 16.59 -1.40
C TYR B 6 -6.65 16.27 -2.70
N PHE B 7 -5.33 16.48 -2.69
CA PHE B 7 -4.45 16.07 -3.78
C PHE B 7 -3.67 14.83 -3.35
N THR B 8 -3.50 13.89 -4.28
CA THR B 8 -2.77 12.65 -3.95
C THR B 8 -1.46 12.55 -4.70
N ASN B 9 -0.39 12.20 -3.97
CA ASN B 9 0.95 12.16 -4.57
C ASN B 9 1.28 10.90 -5.40
N TRP B 10 0.28 10.03 -5.58
CA TRP B 10 0.44 8.87 -6.47
C TRP B 10 -0.31 9.04 -7.81
N ALA B 11 -1.07 10.13 -7.94
CA ALA B 11 -1.76 10.44 -9.20
C ALA B 11 -0.77 10.69 -10.34
N GLN B 12 0.44 11.10 -9.97
CA GLN B 12 1.53 11.34 -10.92
C GLN B 12 1.91 10.11 -11.77
N TYR B 13 1.55 8.91 -11.30
CA TYR B 13 1.94 7.66 -11.96
C TYR B 13 0.92 7.07 -12.93
N ARG B 14 -0.26 7.68 -13.01
CA ARG B 14 -1.31 7.22 -13.92
C ARG B 14 -0.94 7.54 -15.36
N PRO B 15 -1.27 6.64 -16.30
CA PRO B 15 -0.89 6.81 -17.71
C PRO B 15 -1.66 7.94 -18.40
N GLY B 16 -0.97 8.61 -19.33
CA GLY B 16 -1.60 9.58 -20.23
C GLY B 16 -2.50 10.59 -19.56
N LEU B 17 -3.77 10.61 -19.99
CA LEU B 17 -4.77 11.56 -19.50
C LEU B 17 -5.04 11.45 -17.99
N GLY B 18 -4.59 10.35 -17.38
CA GLY B 18 -4.78 10.13 -15.94
C GLY B 18 -3.78 10.87 -15.06
N ARG B 19 -2.60 11.18 -15.62
CA ARG B 19 -1.53 11.83 -14.87
C ARG B 19 -1.97 13.18 -14.31
N PHE B 20 -1.73 13.37 -13.02
CA PHE B 20 -2.13 14.61 -12.35
C PHE B 20 -1.08 15.10 -11.37
N MET B 21 -0.64 16.34 -11.59
CA MET B 21 0.41 16.98 -10.82
C MET B 21 -0.16 18.22 -10.10
N PRO B 22 0.56 18.75 -9.10
CA PRO B 22 0.08 19.96 -8.43
C PRO B 22 -0.28 21.14 -9.35
N ASP B 23 0.45 21.29 -10.46
CA ASP B 23 0.21 22.41 -11.37
C ASP B 23 -1.03 22.22 -12.25
N ASP B 24 -1.62 21.04 -12.17
CA ASP B 24 -2.90 20.77 -12.81
C ASP B 24 -4.09 21.26 -11.98
N ILE B 25 -3.82 21.64 -10.74
CA ILE B 25 -4.85 22.16 -9.84
C ILE B 25 -5.18 23.60 -10.22
N ASN B 26 -6.46 23.87 -10.46
CA ASN B 26 -6.95 25.24 -10.61
C ASN B 26 -6.94 25.90 -9.23
N PRO B 27 -6.09 26.94 -9.06
CA PRO B 27 -5.92 27.58 -7.75
C PRO B 27 -7.16 28.33 -7.26
N CYS B 28 -8.14 28.53 -8.14
CA CYS B 28 -9.38 29.27 -7.85
C CYS B 28 -10.53 28.37 -7.41
N LEU B 29 -10.34 27.06 -7.53
CA LEU B 29 -11.44 26.12 -7.38
C LEU B 29 -11.86 25.91 -5.92
N CYS B 30 -10.89 25.63 -5.07
CA CYS B 30 -11.13 25.30 -3.67
C CYS B 30 -10.58 26.38 -2.74
N THR B 31 -11.07 26.40 -1.50
CA THR B 31 -10.60 27.35 -0.49
C THR B 31 -9.41 26.79 0.28
N HIS B 32 -9.35 25.47 0.39
CA HIS B 32 -8.25 24.77 1.06
C HIS B 32 -7.81 23.60 0.19
N LEU B 33 -6.51 23.38 0.14
CA LEU B 33 -5.95 22.22 -0.54
C LEU B 33 -5.15 21.39 0.45
N ILE B 34 -5.39 20.07 0.44
CA ILE B 34 -4.68 19.20 1.36
C ILE B 34 -3.87 18.14 0.59
N TYR B 35 -2.62 17.98 0.99
CA TYR B 35 -1.68 17.12 0.30
C TYR B 35 -1.63 15.75 0.98
N ALA B 36 -2.00 14.72 0.23
CA ALA B 36 -1.96 13.33 0.72
C ALA B 36 -0.84 12.56 0.00
N PHE B 37 0.11 11.94 0.71
CA PHE B 37 0.24 11.93 2.17
C PHE B 37 1.69 12.12 2.60
N ALA B 38 1.89 12.58 3.84
CA ALA B 38 3.17 12.44 4.53
C ALA B 38 3.19 11.11 5.29
N GLY B 39 4.40 10.67 5.66
CA GLY B 39 4.56 9.47 6.47
C GLY B 39 5.23 9.78 7.79
N MET B 40 5.79 8.74 8.41
CA MET B 40 6.44 8.88 9.70
C MET B 40 7.64 7.96 9.80
N GLN B 41 8.72 8.49 10.37
CA GLN B 41 9.93 7.73 10.60
C GLN B 41 10.55 8.16 11.93
N ASN B 42 10.78 7.19 12.81
CA ASN B 42 11.31 7.46 14.15
C ASN B 42 10.55 8.60 14.86
N ASN B 43 9.22 8.52 14.77
CA ASN B 43 8.31 9.49 15.40
C ASN B 43 8.36 10.91 14.82
N GLU B 44 8.90 11.04 13.62
CA GLU B 44 8.99 12.33 12.94
C GLU B 44 8.27 12.27 11.59
N ILE B 45 7.63 13.36 11.22
CA ILE B 45 6.93 13.43 9.94
C ILE B 45 7.95 13.39 8.78
N THR B 46 7.60 12.71 7.70
CA THR B 46 8.51 12.57 6.57
C THR B 46 7.76 12.49 5.24
N THR B 47 8.49 12.66 4.15
CA THR B 47 7.97 12.44 2.80
C THR B 47 7.80 10.94 2.56
N ILE B 48 7.04 10.58 1.52
CA ILE B 48 6.91 9.18 1.13
C ILE B 48 7.21 8.90 -0.34
N GLU B 49 7.15 9.93 -1.19
CA GLU B 49 7.54 9.80 -2.60
C GLU B 49 8.84 10.57 -2.86
N TRP B 50 9.67 10.02 -3.75
CA TRP B 50 10.98 10.60 -4.08
C TRP B 50 10.95 12.10 -4.38
N ASN B 51 9.90 12.54 -5.07
CA ASN B 51 9.79 13.93 -5.52
C ASN B 51 8.85 14.81 -4.70
N ASP B 52 8.50 14.37 -3.49
CA ASP B 52 7.59 15.14 -2.63
C ASP B 52 8.03 16.60 -2.43
N VAL B 53 9.32 16.82 -2.20
CA VAL B 53 9.80 18.18 -1.96
C VAL B 53 9.50 19.11 -3.15
N THR B 54 9.77 18.64 -4.37
CA THR B 54 9.44 19.40 -5.58
C THR B 54 7.92 19.61 -5.70
N LEU B 55 7.16 18.55 -5.37
CA LEU B 55 5.71 18.62 -5.42
C LEU B 55 5.13 19.59 -4.38
N TYR B 56 5.72 19.61 -3.19
CA TYR B 56 5.36 20.57 -2.14
C TYR B 56 5.50 21.99 -2.66
N GLN B 57 6.64 22.26 -3.30
CA GLN B 57 6.93 23.59 -3.85
C GLN B 57 5.86 24.05 -4.84
N ALA B 58 5.51 23.15 -5.76
CA ALA B 58 4.49 23.43 -6.77
C ALA B 58 3.10 23.59 -6.14
N PHE B 59 2.80 22.72 -5.20
CA PHE B 59 1.53 22.70 -4.47
C PHE B 59 1.31 24.00 -3.69
N ASN B 60 2.27 24.33 -2.83
CA ASN B 60 2.17 25.54 -2.03
C ASN B 60 2.38 26.81 -2.86
N GLY B 61 3.08 26.67 -3.99
CA GLY B 61 3.22 27.76 -4.96
C GLY B 61 1.90 28.21 -5.59
N LEU B 62 0.86 27.38 -5.48
CA LEU B 62 -0.48 27.74 -5.96
C LEU B 62 -1.04 28.96 -5.22
N LYS B 63 -0.53 29.17 -4.00
CA LYS B 63 -0.92 30.31 -3.17
C LYS B 63 -0.43 31.64 -3.73
N ASN B 64 0.52 31.58 -4.67
CA ASN B 64 0.97 32.76 -5.42
C ASN B 64 -0.05 33.23 -6.45
N LYS B 65 -1.00 32.36 -6.78
CA LYS B 65 -2.05 32.67 -7.75
C LYS B 65 -3.38 32.98 -7.05
N ASN B 66 -3.51 32.51 -5.81
CA ASN B 66 -4.69 32.78 -4.99
C ASN B 66 -4.25 33.05 -3.56
N SER B 67 -4.28 34.32 -3.17
CA SER B 67 -3.83 34.77 -1.84
C SER B 67 -4.75 34.34 -0.69
N GLN B 68 -5.94 33.86 -1.02
CA GLN B 68 -6.92 33.37 -0.04
C GLN B 68 -6.64 31.91 0.32
N LEU B 69 -5.96 31.22 -0.57
CA LEU B 69 -5.78 29.78 -0.49
C LEU B 69 -4.96 29.39 0.73
N LYS B 70 -5.41 28.35 1.44
CA LYS B 70 -4.64 27.75 2.52
C LYS B 70 -4.33 26.31 2.17
N THR B 71 -3.17 25.83 2.59
CA THR B 71 -2.77 24.45 2.30
C THR B 71 -2.48 23.67 3.58
N LEU B 72 -2.79 22.38 3.56
CA LEU B 72 -2.42 21.52 4.67
C LEU B 72 -1.77 20.26 4.13
N LEU B 73 -1.03 19.60 5.00
CA LEU B 73 -0.41 18.33 4.69
C LEU B 73 -1.08 17.24 5.52
N ALA B 74 -1.58 16.21 4.86
CA ALA B 74 -2.23 15.10 5.55
C ALA B 74 -1.19 14.04 5.87
N ILE B 75 -1.22 13.53 7.09
CA ILE B 75 -0.34 12.41 7.47
C ILE B 75 -1.16 11.15 7.71
N GLY B 76 -0.68 10.03 7.17
CA GLY B 76 -1.29 8.74 7.45
C GLY B 76 -2.03 8.16 6.25
N GLY B 77 -3.34 7.96 6.41
CA GLY B 77 -4.16 7.37 5.36
C GLY B 77 -4.50 5.91 5.65
N TRP B 78 -5.42 5.35 4.88
CA TRP B 78 -5.87 3.99 5.11
C TRP B 78 -4.72 2.97 5.11
N ASN B 79 -3.89 3.01 4.06
CA ASN B 79 -2.83 2.01 3.90
C ASN B 79 -1.72 2.14 4.95
N PHE B 80 -1.64 3.32 5.56
CA PHE B 80 -0.62 3.62 6.59
C PHE B 80 -0.84 2.79 7.84
N GLY B 81 -2.09 2.42 8.10
CA GLY B 81 -2.44 1.68 9.31
C GLY B 81 -2.26 2.50 10.58
N THR B 82 -2.12 1.82 11.70
CA THR B 82 -2.13 2.46 13.02
C THR B 82 -0.83 2.35 13.81
N ALA B 83 0.03 1.38 13.45
CA ALA B 83 1.24 1.10 14.25
C ALA B 83 2.13 2.33 14.55
N PRO B 84 2.53 3.11 13.52
CA PRO B 84 3.35 4.28 13.85
C PRO B 84 2.64 5.34 14.71
N PHE B 85 1.33 5.52 14.53
CA PHE B 85 0.57 6.46 15.37
C PHE B 85 0.50 5.98 16.82
N THR B 86 0.20 4.70 16.99
CA THR B 86 0.13 4.12 18.34
C THR B 86 1.45 4.33 19.07
N ALA B 87 2.55 4.00 18.40
CA ALA B 87 3.89 4.13 18.99
C ALA B 87 4.21 5.59 19.31
N MET B 88 3.82 6.49 18.42
CA MET B 88 4.11 7.91 18.57
C MET B 88 3.35 8.55 19.74
N VAL B 89 2.09 8.17 19.95
CA VAL B 89 1.30 8.77 21.04
C VAL B 89 1.55 8.09 22.39
N SER B 90 2.23 6.94 22.37
CA SER B 90 2.36 6.08 23.56
C SER B 90 3.12 6.73 24.73
N THR B 91 4.00 7.69 24.42
CA THR B 91 4.79 8.38 25.44
C THR B 91 4.79 9.89 25.16
N PRO B 92 4.87 10.73 26.21
CA PRO B 92 4.99 12.18 25.96
C PRO B 92 6.25 12.53 25.15
N GLU B 93 7.34 11.79 25.38
CA GLU B 93 8.58 11.94 24.61
C GLU B 93 8.34 11.84 23.10
N ASN B 94 7.65 10.77 22.69
CA ASN B 94 7.40 10.53 21.28
C ASN B 94 6.47 11.57 20.66
N ARG B 95 5.47 12.00 21.43
CA ARG B 95 4.56 13.06 20.97
C ARG B 95 5.31 14.37 20.77
N GLN B 96 6.25 14.69 21.66
CA GLN B 96 7.01 15.93 21.55
C GLN B 96 7.96 15.88 20.35
N THR B 97 8.60 14.72 20.16
CA THR B 97 9.47 14.49 19.01
C THR B 97 8.69 14.74 17.72
N PHE B 98 7.47 14.20 17.68
CA PHE B 98 6.59 14.35 16.53
C PHE B 98 6.16 15.81 16.29
N ILE B 99 5.62 16.44 17.33
CA ILE B 99 5.13 17.81 17.26
C ILE B 99 6.22 18.78 16.78
N THR B 100 7.41 18.67 17.37
CA THR B 100 8.55 19.48 16.97
C THR B 100 8.89 19.31 15.48
N SER B 101 8.96 18.04 15.04
CA SER B 101 9.22 17.74 13.62
C SER B 101 8.14 18.34 12.71
N VAL B 102 6.89 18.31 13.18
CA VAL B 102 5.77 18.84 12.39
C VAL B 102 5.86 20.35 12.19
N ILE B 103 6.15 21.08 13.26
CA ILE B 103 6.30 22.53 13.18
C ILE B 103 7.39 22.89 12.18
N LYS B 104 8.55 22.23 12.31
CA LYS B 104 9.70 22.45 11.44
C LYS B 104 9.33 22.14 9.97
N PHE B 105 8.73 20.98 9.75
CA PHE B 105 8.35 20.50 8.42
C PHE B 105 7.39 21.47 7.72
N LEU B 106 6.29 21.82 8.38
CA LEU B 106 5.26 22.67 7.79
C LEU B 106 5.76 24.07 7.45
N ARG B 107 6.55 24.66 8.36
CA ARG B 107 7.11 25.97 8.11
C ARG B 107 8.18 25.93 7.00
N GLN B 108 8.94 24.85 6.96
CA GLN B 108 10.00 24.75 5.97
C GLN B 108 9.45 24.66 4.54
N TYR B 109 8.41 23.85 4.36
CA TYR B 109 7.83 23.60 3.04
C TYR B 109 6.60 24.47 2.72
N GLU B 110 6.28 25.36 3.64
CA GLU B 110 5.26 26.39 3.44
C GLU B 110 3.81 25.87 3.44
N PHE B 111 3.53 24.93 4.34
CA PHE B 111 2.16 24.47 4.58
C PHE B 111 1.55 25.31 5.70
N ASP B 112 0.23 25.50 5.64
CA ASP B 112 -0.50 26.27 6.65
C ASP B 112 -1.07 25.42 7.79
N GLY B 113 -0.91 24.11 7.69
CA GLY B 113 -1.44 23.21 8.71
C GLY B 113 -1.20 21.74 8.49
N LEU B 114 -1.61 20.94 9.48
CA LEU B 114 -1.53 19.48 9.41
C LEU B 114 -2.94 18.89 9.50
N ASP B 115 -3.23 17.96 8.60
CA ASP B 115 -4.47 17.18 8.64
C ASP B 115 -4.11 15.77 9.11
N PHE B 116 -4.58 15.39 10.30
CA PHE B 116 -4.38 14.03 10.80
C PHE B 116 -5.28 13.05 10.06
N ASP B 117 -4.70 11.99 9.50
CA ASP B 117 -5.48 10.92 8.90
C ASP B 117 -5.09 9.56 9.47
N TRP B 118 -5.32 9.43 10.77
CA TRP B 118 -5.10 8.19 11.50
C TRP B 118 -6.37 7.36 11.35
N GLU B 119 -6.25 6.21 10.69
CA GLU B 119 -7.40 5.34 10.46
C GLU B 119 -7.19 3.98 11.13
N TYR B 120 -7.65 3.80 12.37
CA TYR B 120 -8.25 4.85 13.23
C TYR B 120 -7.76 4.61 14.66
N PRO B 121 -7.83 5.64 15.53
CA PRO B 121 -7.54 5.37 16.94
C PRO B 121 -8.53 4.33 17.47
N GLY B 122 -8.05 3.36 18.23
CA GLY B 122 -8.93 2.35 18.83
C GLY B 122 -9.44 1.24 17.93
N SER B 123 -9.05 1.23 16.66
CA SER B 123 -9.37 0.10 15.76
C SER B 123 -8.21 -0.22 14.82
N ARG B 124 -8.37 -1.25 13.99
CA ARG B 124 -7.32 -1.69 13.07
C ARG B 124 -5.96 -1.86 13.77
N GLY B 125 -5.98 -2.48 14.95
CA GLY B 125 -4.76 -2.77 15.70
C GLY B 125 -4.42 -1.77 16.79
N SER B 126 -5.01 -0.58 16.70
CA SER B 126 -4.80 0.47 17.71
C SER B 126 -5.56 0.13 19.00
N PRO B 127 -4.85 0.09 20.15
CA PRO B 127 -5.45 -0.30 21.43
C PRO B 127 -6.38 0.76 21.99
N PRO B 128 -7.25 0.38 22.94
CA PRO B 128 -8.29 1.27 23.49
C PRO B 128 -7.79 2.62 24.03
N GLN B 129 -6.57 2.65 24.57
CA GLN B 129 -6.03 3.87 25.16
C GLN B 129 -5.77 4.98 24.14
N ASP B 130 -5.66 4.59 22.86
CA ASP B 130 -5.42 5.54 21.77
C ASP B 130 -6.59 6.51 21.51
N LYS B 131 -7.80 6.12 21.89
CA LYS B 131 -8.94 7.03 21.81
C LYS B 131 -8.65 8.32 22.59
N HIS B 132 -8.24 8.17 23.86
CA HIS B 132 -7.87 9.33 24.66
C HIS B 132 -6.53 9.93 24.23
N LEU B 133 -5.57 9.08 23.90
CA LEU B 133 -4.24 9.56 23.52
C LEU B 133 -4.27 10.41 22.24
N PHE B 134 -5.22 10.14 21.36
CA PHE B 134 -5.42 10.98 20.18
C PHE B 134 -5.83 12.38 20.61
N THR B 135 -6.77 12.49 21.54
CA THR B 135 -7.17 13.79 22.10
C THR B 135 -5.96 14.54 22.67
N VAL B 136 -5.15 13.83 23.44
CA VAL B 136 -3.95 14.40 24.06
C VAL B 136 -2.99 14.95 22.99
N LEU B 137 -2.71 14.14 21.98
CA LEU B 137 -1.85 14.53 20.87
C LEU B 137 -2.34 15.82 20.20
N VAL B 138 -3.62 15.86 19.88
CA VAL B 138 -4.21 17.01 19.20
C VAL B 138 -4.16 18.26 20.09
N GLN B 139 -4.49 18.09 21.37
CA GLN B 139 -4.39 19.19 22.34
C GLN B 139 -2.98 19.75 22.40
N GLU B 140 -2.00 18.85 22.57
CA GLU B 140 -0.60 19.26 22.65
C GLU B 140 -0.12 19.94 21.36
N MET B 141 -0.55 19.43 20.22
CA MET B 141 -0.21 20.04 18.94
CA MET B 141 -0.22 20.03 18.92
C MET B 141 -0.81 21.43 18.80
N ARG B 142 -2.12 21.54 19.08
CA ARG B 142 -2.82 22.83 19.03
C ARG B 142 -2.12 23.85 19.93
N GLU B 143 -1.82 23.44 21.17
CA GLU B 143 -1.14 24.31 22.12
C GLU B 143 0.28 24.67 21.67
N ALA B 144 0.98 23.71 21.05
CA ALA B 144 2.32 23.95 20.52
C ALA B 144 2.29 24.92 19.34
N PHE B 145 1.23 24.84 18.53
CA PHE B 145 1.02 25.75 17.40
C PHE B 145 0.76 27.17 17.90
N GLU B 146 -0.04 27.29 18.96
CA GLU B 146 -0.32 28.58 19.60
C GLU B 146 0.95 29.23 20.15
N GLN B 147 1.83 28.43 20.75
CA GLN B 147 3.09 28.93 21.30
C GLN B 147 4.09 29.30 20.21
N GLU B 148 4.16 28.48 19.15
CA GLU B 148 5.03 28.76 18.01
C GLU B 148 4.64 30.06 17.33
N ALA B 149 3.33 30.33 17.25
CA ALA B 149 2.81 31.56 16.68
C ALA B 149 3.33 32.79 17.43
N LYS B 150 3.44 32.67 18.74
CA LYS B 150 3.96 33.75 19.57
C LYS B 150 5.47 33.94 19.41
N GLN B 151 6.22 32.84 19.27
CA GLN B 151 7.67 32.89 19.09
C GLN B 151 8.03 33.71 17.85
N ILE B 152 7.50 33.28 16.71
CA ILE B 152 7.89 33.79 15.41
C ILE B 152 7.03 34.94 14.92
N ASN B 153 6.02 35.30 15.70
CA ASN B 153 5.08 36.37 15.36
C ASN B 153 4.44 36.20 13.98
N LYS B 154 3.59 35.16 13.89
CA LYS B 154 2.84 34.84 12.67
C LYS B 154 1.56 34.10 13.09
N PRO B 155 0.51 34.15 12.26
CA PRO B 155 -0.68 33.33 12.56
C PRO B 155 -0.31 31.85 12.67
N ARG B 156 -0.92 31.18 13.63
CA ARG B 156 -0.57 29.79 13.93
C ARG B 156 -0.94 28.84 12.80
N LEU B 157 -0.23 27.71 12.75
CA LEU B 157 -0.56 26.61 11.87
C LEU B 157 -1.90 26.00 12.28
N MET B 158 -2.63 25.46 11.31
CA MET B 158 -3.91 24.80 11.56
C MET B 158 -3.70 23.33 11.91
N VAL B 159 -4.61 22.79 12.71
CA VAL B 159 -4.68 21.35 12.94
C VAL B 159 -6.09 20.85 12.64
N THR B 160 -6.19 19.94 11.69
CA THR B 160 -7.48 19.36 11.30
C THR B 160 -7.36 17.84 11.37
N ALA B 161 -8.47 17.14 11.19
CA ALA B 161 -8.42 15.69 11.13
C ALA B 161 -9.49 15.12 10.23
N ALA B 162 -9.11 14.11 9.45
CA ALA B 162 -10.04 13.29 8.69
C ALA B 162 -10.48 12.16 9.62
N VAL B 163 -11.80 11.96 9.72
CA VAL B 163 -12.36 11.08 10.74
C VAL B 163 -13.36 10.07 10.18
N ALA B 164 -13.56 9.00 10.95
CA ALA B 164 -14.42 7.88 10.55
C ALA B 164 -15.89 8.25 10.41
N ALA B 165 -16.56 7.54 9.50
CA ALA B 165 -18.01 7.60 9.33
C ALA B 165 -18.72 6.36 9.89
N GLY B 166 -17.99 5.27 10.09
CA GLY B 166 -18.57 4.06 10.67
C GLY B 166 -18.81 4.25 12.16
N ILE B 167 -20.03 3.95 12.61
CA ILE B 167 -20.42 4.28 13.99
C ILE B 167 -19.56 3.55 15.03
N SER B 168 -19.30 2.26 14.81
CA SER B 168 -18.40 1.49 15.68
C SER B 168 -17.02 2.14 15.77
N ASN B 169 -16.47 2.51 14.62
CA ASN B 169 -15.16 3.17 14.57
C ASN B 169 -15.15 4.52 15.28
N ILE B 170 -16.24 5.28 15.15
CA ILE B 170 -16.37 6.58 15.82
C ILE B 170 -16.40 6.41 17.34
N GLN B 171 -17.24 5.48 17.80
CA GLN B 171 -17.39 5.21 19.22
C GLN B 171 -16.09 4.74 19.89
N SER B 172 -15.32 3.90 19.22
CA SER B 172 -14.07 3.40 19.80
C SER B 172 -12.87 4.32 19.50
N GLY B 173 -13.09 5.32 18.65
CA GLY B 173 -12.00 6.17 18.15
C GLY B 173 -11.83 7.56 18.74
N TYR B 174 -12.94 8.21 19.08
CA TYR B 174 -12.91 9.66 19.35
C TYR B 174 -13.66 10.10 20.61
N GLU B 175 -13.00 10.96 21.38
CA GLU B 175 -13.65 11.72 22.45
C GLU B 175 -14.14 13.01 21.80
N ILE B 176 -15.33 12.97 21.22
CA ILE B 176 -15.76 14.01 20.28
C ILE B 176 -15.81 15.44 20.87
N PRO B 177 -16.46 15.63 22.03
CA PRO B 177 -16.47 17.00 22.55
C PRO B 177 -15.07 17.56 22.82
N GLN B 178 -14.21 16.76 23.43
CA GLN B 178 -12.86 17.20 23.81
C GLN B 178 -11.99 17.42 22.59
N LEU B 179 -12.02 16.46 21.66
CA LEU B 179 -11.26 16.56 20.41
C LEU B 179 -11.69 17.78 19.59
N SER B 180 -13.01 18.01 19.51
CA SER B 180 -13.55 19.10 18.69
C SER B 180 -13.11 20.49 19.15
N GLN B 181 -12.82 20.62 20.45
CA GLN B 181 -12.31 21.88 21.02
C GLN B 181 -11.00 22.34 20.36
N TYR B 182 -10.13 21.39 20.02
CA TYR B 182 -8.77 21.70 19.57
C TYR B 182 -8.57 21.63 18.05
N LEU B 183 -9.42 20.88 17.36
CA LEU B 183 -9.35 20.81 15.90
C LEU B 183 -9.95 22.06 15.29
N ASP B 184 -9.35 22.54 14.20
CA ASP B 184 -9.90 23.66 13.45
C ASP B 184 -11.04 23.23 12.54
N TYR B 185 -10.88 22.07 11.90
CA TYR B 185 -11.93 21.46 11.09
C TYR B 185 -11.88 19.94 11.22
N ILE B 186 -13.06 19.34 11.01
CA ILE B 186 -13.26 17.90 11.12
C ILE B 186 -13.75 17.41 9.77
N HIS B 187 -12.89 16.68 9.06
CA HIS B 187 -13.17 16.21 7.70
C HIS B 187 -13.78 14.81 7.79
N VAL B 188 -15.11 14.75 7.76
CA VAL B 188 -15.81 13.49 7.97
C VAL B 188 -15.87 12.69 6.68
N MET B 189 -15.34 11.48 6.73
CA MET B 189 -15.22 10.64 5.52
C MET B 189 -16.53 9.90 5.22
N THR B 190 -17.52 10.68 4.83
CA THR B 190 -18.88 10.20 4.55
C THR B 190 -18.97 9.56 3.18
N TYR B 191 -18.18 8.50 3.01
CA TYR B 191 -18.19 7.70 1.80
C TYR B 191 -17.63 6.31 2.14
N ASP B 192 -17.46 5.47 1.12
CA ASP B 192 -17.16 4.04 1.32
C ASP B 192 -18.15 3.42 2.31
N LEU B 193 -19.40 3.85 2.24
CA LEU B 193 -20.43 3.38 3.18
C LEU B 193 -21.00 2.02 2.79
N HIS B 194 -20.78 1.64 1.53
CA HIS B 194 -21.06 0.30 1.04
C HIS B 194 -19.95 -0.11 0.09
N GLY B 195 -19.80 -1.42 -0.11
CA GLY B 195 -18.82 -1.95 -1.05
C GLY B 195 -18.98 -3.45 -1.19
N SER B 196 -18.18 -4.03 -2.10
CA SER B 196 -18.29 -5.44 -2.45
C SER B 196 -18.08 -6.39 -1.27
N TRP B 197 -17.39 -5.93 -0.24
CA TRP B 197 -17.15 -6.72 0.97
C TRP B 197 -18.46 -7.19 1.63
N GLU B 198 -19.56 -6.50 1.31
CA GLU B 198 -20.86 -6.81 1.88
C GLU B 198 -21.62 -7.91 1.13
N GLY B 199 -21.20 -8.19 -0.11
CA GLY B 199 -21.84 -9.22 -0.93
C GLY B 199 -23.11 -8.77 -1.62
N TYR B 200 -23.41 -7.47 -1.55
CA TYR B 200 -24.59 -6.88 -2.19
C TYR B 200 -24.23 -5.50 -2.71
N THR B 201 -24.90 -5.08 -3.78
CA THR B 201 -24.70 -3.71 -4.29
C THR B 201 -25.15 -2.68 -3.26
N GLY B 202 -24.44 -1.57 -3.23
CA GLY B 202 -24.77 -0.48 -2.33
C GLY B 202 -24.05 0.79 -2.75
N GLU B 203 -24.57 1.92 -2.30
CA GLU B 203 -24.03 3.22 -2.69
C GLU B 203 -22.83 3.67 -1.88
N ASN B 204 -21.95 4.41 -2.55
CA ASN B 204 -20.72 4.90 -1.95
C ASN B 204 -20.98 5.96 -0.89
N SER B 205 -21.74 6.99 -1.27
CA SER B 205 -22.02 8.11 -0.40
C SER B 205 -23.51 8.50 -0.48
N PRO B 206 -24.41 7.57 -0.08
CA PRO B 206 -25.83 7.90 -0.14
C PRO B 206 -26.18 8.98 0.88
N LEU B 207 -27.00 9.96 0.48
CA LEU B 207 -27.39 11.03 1.40
C LEU B 207 -28.29 10.53 2.53
N TYR B 208 -29.27 9.71 2.17
CA TYR B 208 -30.25 9.18 3.11
C TYR B 208 -30.23 7.66 3.09
N LYS B 209 -31.00 7.05 3.97
CA LYS B 209 -31.11 5.60 3.96
C LYS B 209 -31.96 5.12 2.78
N TYR B 210 -31.65 3.91 2.32
CA TYR B 210 -32.52 3.18 1.41
C TYR B 210 -33.66 2.59 2.25
N PRO B 211 -34.88 2.51 1.71
CA PRO B 211 -36.00 2.05 2.56
C PRO B 211 -35.77 0.70 3.25
N THR B 212 -34.97 -0.18 2.66
CA THR B 212 -34.73 -1.50 3.26
C THR B 212 -33.63 -1.50 4.32
N ASP B 213 -32.96 -0.36 4.53
CA ASP B 213 -31.91 -0.23 5.54
C ASP B 213 -32.50 -0.21 6.95
N THR B 214 -32.36 -1.32 7.69
CA THR B 214 -32.81 -1.36 9.08
C THR B 214 -31.67 -1.73 10.02
N GLY B 215 -31.90 -1.64 11.32
CA GLY B 215 -30.85 -1.89 12.31
C GLY B 215 -29.64 -1.02 12.05
N SER B 216 -28.45 -1.63 12.14
CA SER B 216 -27.18 -0.89 11.95
C SER B 216 -27.00 -0.34 10.53
N ASN B 217 -27.66 -0.97 9.55
CA ASN B 217 -27.64 -0.50 8.16
C ASN B 217 -28.25 0.91 8.02
N ALA B 218 -29.14 1.27 8.93
CA ALA B 218 -29.79 2.59 8.92
C ALA B 218 -28.83 3.75 9.20
N TYR B 219 -27.60 3.43 9.59
CA TYR B 219 -26.59 4.44 9.89
C TYR B 219 -25.70 4.74 8.69
N LEU B 220 -25.82 3.92 7.63
CA LEU B 220 -24.91 4.00 6.48
C LEU B 220 -25.34 5.05 5.44
N ASN B 221 -25.40 6.30 5.88
CA ASN B 221 -25.72 7.41 4.99
C ASN B 221 -25.15 8.73 5.53
N VAL B 222 -24.94 9.67 4.62
CA VAL B 222 -24.34 10.97 4.95
C VAL B 222 -25.10 11.70 6.07
N ASP B 223 -26.41 11.77 5.93
CA ASP B 223 -27.25 12.49 6.89
C ASP B 223 -27.09 11.95 8.31
N TYR B 224 -27.22 10.63 8.48
CA TYR B 224 -27.06 10.05 9.82
C TYR B 224 -25.68 10.33 10.41
N VAL B 225 -24.66 10.15 9.60
CA VAL B 225 -23.27 10.29 10.07
C VAL B 225 -22.93 11.73 10.50
N MET B 226 -23.28 12.71 9.66
CA MET B 226 -22.99 14.11 10.00
C MET B 226 -23.73 14.52 11.26
N ASN B 227 -24.99 14.09 11.39
CA ASN B 227 -25.76 14.39 12.58
C ASN B 227 -25.26 13.67 13.82
N TYR B 228 -24.67 12.49 13.63
CA TYR B 228 -24.07 11.76 14.74
C TYR B 228 -22.90 12.57 15.32
N TRP B 229 -22.03 13.07 14.44
CA TRP B 229 -20.88 13.87 14.85
C TRP B 229 -21.34 15.15 15.57
N LYS B 230 -22.34 15.83 15.00
CA LYS B 230 -22.89 17.06 15.59
C LYS B 230 -23.52 16.80 16.97
N ASP B 231 -24.40 15.81 17.04
CA ASP B 231 -25.11 15.48 18.27
C ASP B 231 -24.15 15.05 19.39
N ASN B 232 -23.04 14.43 19.01
CA ASN B 232 -22.07 13.94 19.99
C ASN B 232 -20.84 14.83 20.24
N GLY B 233 -20.92 16.09 19.81
CA GLY B 233 -20.00 17.10 20.34
C GLY B 233 -19.27 18.03 19.38
N ALA B 234 -19.37 17.74 18.08
CA ALA B 234 -18.68 18.54 17.08
C ALA B 234 -19.55 19.72 16.65
N PRO B 235 -19.04 20.95 16.80
CA PRO B 235 -19.77 22.12 16.32
C PRO B 235 -20.05 22.00 14.83
N ALA B 236 -21.29 22.28 14.43
CA ALA B 236 -21.69 22.21 13.02
C ALA B 236 -20.74 22.97 12.11
N GLU B 237 -20.31 24.15 12.56
CA GLU B 237 -19.40 25.02 11.80
C GLU B 237 -18.01 24.43 11.53
N LYS B 238 -17.58 23.50 12.38
CA LYS B 238 -16.28 22.84 12.20
C LYS B 238 -16.40 21.58 11.37
N LEU B 239 -17.63 21.10 11.17
CA LEU B 239 -17.86 19.84 10.48
C LEU B 239 -17.86 20.01 8.97
N ILE B 240 -17.05 19.20 8.30
CA ILE B 240 -16.90 19.27 6.85
C ILE B 240 -17.33 17.94 6.23
N VAL B 241 -18.32 18.01 5.35
CA VAL B 241 -18.93 16.83 4.73
C VAL B 241 -18.03 16.26 3.64
N GLY B 242 -17.86 14.93 3.65
CA GLY B 242 -17.02 14.23 2.67
C GLY B 242 -17.73 13.90 1.36
N PHE B 243 -17.11 14.31 0.25
CA PHE B 243 -17.62 14.12 -1.11
C PHE B 243 -16.60 13.33 -1.93
N PRO B 244 -16.99 12.13 -2.42
CA PRO B 244 -16.12 11.30 -3.27
C PRO B 244 -16.27 11.56 -4.77
N THR B 245 -15.15 11.80 -5.44
CA THR B 245 -15.12 11.91 -6.90
C THR B 245 -14.72 10.56 -7.51
N TYR B 246 -15.17 9.49 -6.89
CA TYR B 246 -14.98 8.13 -7.37
C TYR B 246 -16.18 7.28 -6.93
N GLY B 247 -16.34 6.10 -7.52
CA GLY B 247 -17.38 5.17 -7.09
C GLY B 247 -16.84 3.78 -6.81
N HIS B 248 -17.67 2.94 -6.19
CA HIS B 248 -17.33 1.52 -5.99
C HIS B 248 -18.05 0.68 -7.03
N ASN B 249 -17.34 -0.29 -7.61
CA ASN B 249 -17.98 -1.21 -8.55
C ASN B 249 -17.97 -2.65 -8.03
N PHE B 250 -18.81 -3.47 -8.63
CA PHE B 250 -19.18 -4.78 -8.11
C PHE B 250 -19.35 -5.71 -9.30
N ILE B 251 -19.12 -7.00 -9.08
CA ILE B 251 -19.54 -8.04 -10.03
C ILE B 251 -20.91 -8.56 -9.60
N LEU B 252 -21.93 -8.32 -10.43
CA LEU B 252 -23.29 -8.80 -10.15
C LEU B 252 -23.36 -10.32 -10.23
N SER B 253 -24.03 -10.93 -9.26
CA SER B 253 -24.23 -12.39 -9.25
C SER B 253 -25.22 -12.82 -10.33
N ASN B 254 -26.10 -11.88 -10.68
CA ASN B 254 -27.10 -12.08 -11.72
C ASN B 254 -27.32 -10.74 -12.43
N PRO B 255 -26.94 -10.64 -13.71
CA PRO B 255 -27.11 -9.43 -14.54
C PRO B 255 -28.55 -8.93 -14.64
N SER B 256 -29.52 -9.81 -14.35
CA SER B 256 -30.93 -9.45 -14.34
C SER B 256 -31.33 -8.67 -13.08
N ASN B 257 -30.56 -8.84 -12.01
CA ASN B 257 -30.81 -8.19 -10.73
C ASN B 257 -29.83 -7.05 -10.51
N THR B 258 -30.31 -5.81 -10.69
CA THR B 258 -29.45 -4.63 -10.77
C THR B 258 -29.82 -3.48 -9.82
N GLY B 259 -30.75 -3.73 -8.90
CA GLY B 259 -31.17 -2.72 -7.94
C GLY B 259 -30.22 -2.63 -6.76
N ILE B 260 -30.55 -1.73 -5.82
CA ILE B 260 -29.80 -1.63 -4.57
C ILE B 260 -30.07 -2.88 -3.73
N GLY B 261 -29.00 -3.54 -3.31
CA GLY B 261 -29.10 -4.74 -2.49
C GLY B 261 -29.08 -6.03 -3.30
N ALA B 262 -28.83 -5.92 -4.60
CA ALA B 262 -28.66 -7.09 -5.48
C ALA B 262 -27.39 -7.85 -5.11
N PRO B 263 -27.45 -9.20 -5.17
CA PRO B 263 -26.28 -10.01 -4.78
C PRO B 263 -25.08 -9.78 -5.69
N THR B 264 -23.90 -9.70 -5.08
CA THR B 264 -22.66 -9.54 -5.82
C THR B 264 -21.67 -10.66 -5.48
N SER B 265 -20.68 -10.88 -6.34
CA SER B 265 -19.71 -11.96 -6.15
C SER B 265 -18.27 -11.47 -5.93
N GLY B 266 -18.09 -10.15 -5.91
CA GLY B 266 -16.79 -9.57 -5.60
C GLY B 266 -16.65 -8.14 -6.10
N ALA B 267 -15.47 -7.57 -5.87
CA ALA B 267 -15.13 -6.22 -6.35
C ALA B 267 -15.11 -6.17 -7.88
N GLY B 268 -15.56 -5.06 -8.43
CA GLY B 268 -15.52 -4.87 -9.88
C GLY B 268 -14.14 -4.52 -10.39
N PRO B 269 -14.00 -4.36 -11.71
CA PRO B 269 -12.69 -4.23 -12.35
C PRO B 269 -11.96 -2.94 -12.01
N ALA B 270 -10.64 -3.04 -11.85
CA ALA B 270 -9.80 -1.85 -11.80
C ALA B 270 -10.00 -1.01 -13.06
N GLY B 271 -9.97 0.31 -12.89
CA GLY B 271 -10.05 1.22 -14.02
C GLY B 271 -8.74 1.26 -14.78
N PRO B 272 -8.79 1.61 -16.07
CA PRO B 272 -7.58 1.62 -16.90
C PRO B 272 -6.62 2.77 -16.61
N TYR B 273 -7.06 3.76 -15.83
CA TYR B 273 -6.21 4.89 -15.45
C TYR B 273 -5.72 4.83 -14.02
N ALA B 274 -6.64 4.68 -13.07
CA ALA B 274 -6.30 4.69 -11.65
C ALA B 274 -5.82 3.32 -11.14
N LYS B 275 -6.14 2.26 -11.89
CA LYS B 275 -5.67 0.89 -11.58
C LYS B 275 -6.09 0.37 -10.21
N GLU B 276 -7.28 0.74 -9.75
CA GLU B 276 -7.72 0.37 -8.40
C GLU B 276 -8.88 -0.63 -8.39
N SER B 277 -8.62 -1.84 -7.90
CA SER B 277 -9.65 -2.87 -7.73
C SER B 277 -10.87 -2.30 -7.05
N GLY B 278 -12.04 -2.52 -7.64
CA GLY B 278 -13.31 -2.16 -7.01
C GLY B 278 -13.63 -0.68 -6.99
N ILE B 279 -12.83 0.10 -7.69
CA ILE B 279 -12.94 1.56 -7.67
C ILE B 279 -12.80 2.14 -9.07
N TRP B 280 -13.70 3.05 -9.44
CA TRP B 280 -13.52 3.86 -10.64
C TRP B 280 -13.55 5.34 -10.31
N ALA B 281 -12.55 6.07 -10.81
CA ALA B 281 -12.56 7.53 -10.79
C ALA B 281 -13.78 8.01 -11.54
N TYR B 282 -14.29 9.19 -11.19
CA TYR B 282 -15.46 9.74 -11.89
C TYR B 282 -15.25 9.74 -13.40
N TYR B 283 -14.07 10.16 -13.84
CA TYR B 283 -13.78 10.19 -15.28
C TYR B 283 -13.79 8.79 -15.91
N GLU B 284 -13.36 7.79 -15.16
CA GLU B 284 -13.45 6.39 -15.59
C GLU B 284 -14.92 5.95 -15.69
N ILE B 285 -15.74 6.42 -14.75
CA ILE B 285 -17.18 6.13 -14.79
C ILE B 285 -17.79 6.78 -16.03
N CYS B 286 -17.31 7.97 -16.37
CA CYS B 286 -17.81 8.64 -17.57
C CYS B 286 -17.56 7.86 -18.86
N THR B 287 -16.42 7.18 -18.95
CA THR B 287 -16.17 6.25 -20.05
C THR B 287 -17.24 5.16 -20.10
N PHE B 288 -17.51 4.55 -18.95
CA PHE B 288 -18.56 3.53 -18.76
C PHE B 288 -19.90 4.03 -19.32
N LEU B 289 -20.28 5.25 -18.95
CA LEU B 289 -21.55 5.83 -19.38
C LEU B 289 -21.55 6.14 -20.88
N LYS B 290 -20.44 6.69 -21.36
CA LYS B 290 -20.26 7.04 -22.78
C LYS B 290 -20.48 5.86 -23.71
N ASN B 291 -20.03 4.70 -23.28
CA ASN B 291 -20.08 3.49 -24.11
C ASN B 291 -21.28 2.61 -23.86
N GLY B 292 -22.32 3.18 -23.24
CA GLY B 292 -23.65 2.57 -23.25
C GLY B 292 -24.15 1.89 -22.00
N ALA B 293 -23.44 2.06 -20.87
CA ALA B 293 -23.92 1.51 -19.60
C ALA B 293 -25.31 2.05 -19.29
N THR B 294 -26.13 1.19 -18.70
CA THR B 294 -27.50 1.56 -18.32
C THR B 294 -27.44 2.42 -17.07
N GLN B 295 -28.09 3.57 -17.12
CA GLN B 295 -28.07 4.49 -16.01
C GLN B 295 -29.26 4.29 -15.08
N GLY B 296 -28.98 4.34 -13.78
CA GLY B 296 -30.03 4.26 -12.77
C GLY B 296 -29.97 5.45 -11.85
N TRP B 297 -31.10 5.74 -11.21
CA TRP B 297 -31.14 6.76 -10.16
C TRP B 297 -31.74 6.14 -8.90
N ASP B 298 -30.99 6.24 -7.81
CA ASP B 298 -31.42 5.80 -6.50
C ASP B 298 -32.09 7.01 -5.83
N ALA B 299 -33.40 7.13 -6.03
CA ALA B 299 -34.13 8.32 -5.53
C ALA B 299 -34.11 8.50 -4.00
N PRO B 300 -34.33 7.42 -3.22
CA PRO B 300 -34.32 7.60 -1.75
C PRO B 300 -33.00 8.17 -1.25
N GLN B 301 -31.91 7.77 -1.89
CA GLN B 301 -30.57 8.13 -1.43
C GLN B 301 -29.91 9.27 -2.22
N GLU B 302 -30.60 9.71 -3.28
CA GLU B 302 -30.20 10.86 -4.11
C GLU B 302 -28.82 10.68 -4.79
N VAL B 303 -28.56 9.47 -5.24
CA VAL B 303 -27.29 9.17 -5.91
C VAL B 303 -27.50 8.29 -7.13
N PRO B 304 -26.63 8.42 -8.15
CA PRO B 304 -26.77 7.59 -9.35
C PRO B 304 -26.08 6.24 -9.18
N TYR B 305 -26.48 5.29 -10.02
CA TYR B 305 -25.73 4.07 -10.24
C TYR B 305 -25.81 3.71 -11.72
N ALA B 306 -24.95 2.78 -12.14
CA ALA B 306 -24.92 2.36 -13.54
C ALA B 306 -24.49 0.91 -13.62
N TYR B 307 -24.94 0.21 -14.66
CA TYR B 307 -24.58 -1.18 -14.84
C TYR B 307 -24.51 -1.55 -16.31
N GLN B 308 -23.70 -2.58 -16.59
CA GLN B 308 -23.60 -3.15 -17.92
C GLN B 308 -23.03 -4.56 -17.77
N GLY B 309 -23.70 -5.53 -18.37
CA GLY B 309 -23.32 -6.93 -18.20
C GLY B 309 -23.26 -7.27 -16.72
N ASN B 310 -22.10 -7.77 -16.28
CA ASN B 310 -21.92 -8.16 -14.87
C ASN B 310 -21.32 -7.08 -13.97
N VAL B 311 -21.23 -5.85 -14.47
CA VAL B 311 -20.61 -4.77 -13.71
C VAL B 311 -21.63 -3.71 -13.29
N TRP B 312 -21.55 -3.32 -12.02
CA TRP B 312 -22.46 -2.36 -11.40
C TRP B 312 -21.59 -1.40 -10.63
N VAL B 313 -21.89 -0.10 -10.74
CA VAL B 313 -21.14 0.93 -10.04
C VAL B 313 -22.09 1.89 -9.30
N GLY B 314 -21.78 2.13 -8.03
CA GLY B 314 -22.48 3.12 -7.20
C GLY B 314 -21.56 4.30 -7.08
N TYR B 315 -22.06 5.50 -7.40
CA TYR B 315 -21.18 6.66 -7.53
C TYR B 315 -21.88 8.01 -7.29
N ASP B 316 -21.17 9.09 -7.61
CA ASP B 316 -21.71 10.45 -7.51
C ASP B 316 -21.46 11.20 -8.80
N ASN B 317 -22.43 12.03 -9.18
CA ASN B 317 -22.33 12.87 -10.36
C ASN B 317 -22.63 14.33 -10.03
N VAL B 318 -22.79 15.16 -11.07
CA VAL B 318 -23.09 16.58 -10.86
C VAL B 318 -24.39 16.74 -10.07
N LYS B 319 -25.42 15.98 -10.45
CA LYS B 319 -26.73 16.05 -9.79
C LYS B 319 -26.67 15.70 -8.30
N SER B 320 -26.01 14.60 -7.95
CA SER B 320 -25.94 14.16 -6.56
C SER B 320 -25.07 15.09 -5.72
N PHE B 321 -23.99 15.61 -6.31
CA PHE B 321 -23.13 16.57 -5.63
C PHE B 321 -23.92 17.83 -5.30
N ASP B 322 -24.70 18.32 -6.26
CA ASP B 322 -25.54 19.50 -6.05
C ASP B 322 -26.57 19.26 -4.94
N ILE B 323 -27.25 18.11 -4.99
CA ILE B 323 -28.25 17.76 -3.99
C ILE B 323 -27.64 17.77 -2.58
N LYS B 324 -26.49 17.13 -2.43
CA LYS B 324 -25.79 17.11 -1.15
C LYS B 324 -25.35 18.50 -0.71
N ALA B 325 -24.90 19.33 -1.66
CA ALA B 325 -24.45 20.68 -1.33
C ALA B 325 -25.60 21.51 -0.79
N GLN B 326 -26.78 21.40 -1.42
CA GLN B 326 -27.96 22.11 -0.92
C GLN B 326 -28.32 21.61 0.48
N TRP B 327 -28.25 20.30 0.69
CA TRP B 327 -28.52 19.70 2.00
C TRP B 327 -27.55 20.22 3.06
N LEU B 328 -26.28 20.30 2.68
CA LEU B 328 -25.21 20.78 3.53
C LEU B 328 -25.53 22.20 4.03
N LYS B 329 -25.92 23.06 3.09
CA LYS B 329 -26.30 24.44 3.39
C LYS B 329 -27.51 24.51 4.33
N HIS B 330 -28.51 23.67 4.07
CA HIS B 330 -29.73 23.69 4.87
C HIS B 330 -29.45 23.26 6.30
N ASN B 331 -28.46 22.41 6.48
CA ASN B 331 -28.03 21.95 7.78
C ASN B 331 -26.94 22.81 8.41
N LYS B 332 -26.46 23.79 7.64
CA LYS B 332 -25.49 24.80 8.11
C LYS B 332 -24.18 24.21 8.63
N PHE B 333 -23.68 23.18 7.96
CA PHE B 333 -22.35 22.65 8.25
C PHE B 333 -21.27 23.59 7.71
N GLY B 334 -20.02 23.32 8.09
CA GLY B 334 -18.90 24.21 7.75
C GLY B 334 -18.53 24.27 6.27
N GLY B 335 -18.90 23.22 5.53
CA GLY B 335 -18.57 23.13 4.12
C GLY B 335 -18.36 21.70 3.67
N ALA B 336 -17.60 21.55 2.59
CA ALA B 336 -17.39 20.25 1.93
C ALA B 336 -15.91 19.96 1.74
N MET B 337 -15.54 18.69 1.85
CA MET B 337 -14.21 18.25 1.41
C MET B 337 -14.34 17.21 0.31
N VAL B 338 -13.33 17.12 -0.53
CA VAL B 338 -13.39 16.31 -1.74
C VAL B 338 -12.20 15.36 -1.82
N TRP B 339 -12.50 14.08 -1.87
CA TRP B 339 -11.50 13.07 -2.18
C TRP B 339 -11.85 12.49 -3.54
N ALA B 340 -11.05 12.74 -4.58
CA ALA B 340 -9.87 13.61 -4.56
C ALA B 340 -9.89 14.44 -5.85
N ILE B 341 -9.16 15.55 -5.86
CA ILE B 341 -9.18 16.46 -7.02
C ILE B 341 -8.72 15.75 -8.32
N ASP B 342 -7.75 14.84 -8.16
CA ASP B 342 -7.21 14.09 -9.30
C ASP B 342 -8.13 12.99 -9.85
N LEU B 343 -9.25 12.73 -9.15
CA LEU B 343 -10.24 11.74 -9.57
C LEU B 343 -11.46 12.37 -10.27
N ASP B 344 -11.66 13.68 -10.08
CA ASP B 344 -12.62 14.47 -10.84
C ASP B 344 -12.20 14.49 -12.32
N ASP B 345 -13.13 14.81 -13.22
CA ASP B 345 -12.79 14.90 -14.64
C ASP B 345 -12.03 16.21 -14.90
N PHE B 346 -10.78 16.25 -14.45
CA PHE B 346 -9.97 17.47 -14.51
C PHE B 346 -9.68 17.98 -15.93
N THR B 347 -9.53 17.06 -16.88
CA THR B 347 -9.27 17.46 -18.27
C THR B 347 -10.55 17.98 -18.96
N GLY B 348 -11.70 17.56 -18.45
CA GLY B 348 -13.00 17.86 -19.04
C GLY B 348 -13.39 16.95 -20.20
N THR B 349 -12.49 16.05 -20.59
CA THR B 349 -12.67 15.28 -21.85
C THR B 349 -13.43 13.96 -21.71
N PHE B 350 -13.58 13.48 -20.48
CA PHE B 350 -14.25 12.21 -20.24
C PHE B 350 -15.76 12.36 -20.07
N CYS B 351 -16.16 13.36 -19.29
CA CYS B 351 -17.57 13.61 -18.99
C CYS B 351 -18.14 14.73 -19.86
N ASN B 352 -17.27 15.56 -20.41
CA ASN B 352 -17.67 16.65 -21.30
C ASN B 352 -18.63 17.66 -20.64
N GLN B 353 -18.41 17.87 -19.34
CA GLN B 353 -19.23 18.73 -18.51
C GLN B 353 -18.43 19.92 -17.99
N GLY B 354 -17.33 20.23 -18.66
CA GLY B 354 -16.41 21.26 -18.18
C GLY B 354 -15.32 20.65 -17.34
N LYS B 355 -14.23 21.40 -17.14
CA LYS B 355 -13.13 20.92 -16.32
C LYS B 355 -13.51 20.91 -14.84
N PHE B 356 -13.09 19.86 -14.15
CA PHE B 356 -13.43 19.63 -12.74
C PHE B 356 -14.93 19.79 -12.49
N PRO B 357 -15.77 18.98 -13.18
CA PRO B 357 -17.22 19.23 -13.11
C PRO B 357 -17.80 18.99 -11.71
N LEU B 358 -17.28 17.99 -10.99
CA LEU B 358 -17.81 17.71 -9.66
C LEU B 358 -17.45 18.80 -8.66
N ILE B 359 -16.18 19.20 -8.65
CA ILE B 359 -15.76 20.23 -7.70
C ILE B 359 -16.36 21.61 -8.06
N SER B 360 -16.44 21.89 -9.36
CA SER B 360 -17.07 23.13 -9.85
C SER B 360 -18.54 23.22 -9.42
N THR B 361 -19.22 22.07 -9.41
CA THR B 361 -20.60 21.99 -8.93
C THR B 361 -20.68 22.46 -7.48
N LEU B 362 -19.72 22.04 -6.66
CA LEU B 362 -19.70 22.42 -5.25
C LEU B 362 -19.35 23.89 -5.06
N LYS B 363 -18.38 24.38 -5.82
CA LYS B 363 -17.99 25.79 -5.76
C LYS B 363 -19.21 26.68 -6.05
N LYS B 364 -19.99 26.31 -7.07
CA LYS B 364 -21.19 27.05 -7.43
C LYS B 364 -22.27 26.96 -6.35
N ALA B 365 -22.60 25.74 -5.95
CA ALA B 365 -23.66 25.49 -4.97
C ALA B 365 -23.38 26.12 -3.61
N LEU B 366 -22.11 26.15 -3.21
CA LEU B 366 -21.73 26.72 -1.92
C LEU B 366 -21.51 28.23 -1.97
N GLY B 367 -21.86 28.84 -3.11
CA GLY B 367 -21.77 30.29 -3.26
C GLY B 367 -20.35 30.83 -3.20
N LEU B 368 -19.43 30.06 -3.76
CA LEU B 368 -18.01 30.44 -3.80
C LEU B 368 -17.54 30.81 -5.20
N GLN B 369 -18.45 30.81 -6.17
CA GLN B 369 -18.09 31.02 -7.58
C GLN B 369 -17.45 32.38 -7.86
N SER B 370 -17.91 33.42 -7.14
CA SER B 370 -17.38 34.77 -7.32
C SER B 370 -16.24 35.09 -6.36
N ALA B 371 -15.68 34.06 -5.74
CA ALA B 371 -14.61 34.22 -4.75
C ALA B 371 -13.34 34.81 -5.36
N SER B 372 -12.63 35.59 -4.55
CA SER B 372 -11.37 36.22 -4.95
C SER B 372 -10.40 35.18 -5.48
N CYS B 373 -9.96 35.34 -6.73
CA CYS B 373 -8.85 34.57 -7.18
C CYS B 373 -7.60 34.78 -6.32
#